data_8QDW
#
_entry.id   8QDW
#
loop_
_entity.id
_entity.type
_entity.pdbx_description
1 polymer 'RASK GTPase (Fragment)'
2 non-polymer N-methyl-1-(1-phenyl-1H-pyrazol-4-yl)methanamine
#
_entity_poly.entity_id   1
_entity_poly.type   'polypeptide(L)'
_entity_poly.pdbx_seq_one_letter_code
;MTEYKLVVVGAVGVGKSALTIQLIQNHFVDEYDPTIEDSYRKQVVIDGETCLLDILDTAGQEEYSAMRDQYMRTGEGFLC
VFAINNTKSFEDIHHYREQIKRVKDSEDVPMVLVGNKSDLPSRTVDTKQAQDLARSYGIPFIETSAKTRQGVDDAFYTLV
REIRKHKEK
;
_entity_poly.pdbx_strand_id   A
#
loop_
_chem_comp.id
_chem_comp.type
_chem_comp.name
_chem_comp.formula
W1Y non-polymer N-methyl-1-(1-phenyl-1H-pyrazol-4-yl)methanamine 'C11 H13 N3'
#
# COMPACT_ATOMS: atom_id res chain seq x y z
N MET A 1 -16.90 -8.57 -14.39
CA MET A 1 -15.57 -8.18 -13.95
C MET A 1 -15.59 -7.88 -12.46
N THR A 2 -14.69 -8.51 -11.71
CA THR A 2 -14.62 -8.32 -10.28
C THR A 2 -13.92 -7.02 -9.91
N GLU A 3 -14.51 -6.28 -8.98
CA GLU A 3 -13.92 -5.03 -8.51
C GLU A 3 -13.06 -5.30 -7.28
N TYR A 4 -11.80 -4.93 -7.34
CA TYR A 4 -10.89 -5.15 -6.24
C TYR A 4 -10.88 -3.94 -5.33
N LYS A 5 -11.46 -4.09 -4.14
CA LYS A 5 -11.53 -3.00 -3.18
C LYS A 5 -10.26 -2.96 -2.33
N LEU A 6 -9.37 -2.04 -2.67
CA LEU A 6 -8.11 -1.91 -1.96
C LEU A 6 -8.03 -0.57 -1.23
N VAL A 7 -7.35 -0.55 -0.10
CA VAL A 7 -7.19 0.66 0.67
C VAL A 7 -5.72 0.99 0.91
N VAL A 8 -5.33 2.19 0.52
CA VAL A 8 -3.95 2.62 0.69
C VAL A 8 -3.80 3.34 2.03
N VAL A 9 -3.27 2.64 3.01
CA VAL A 9 -3.06 3.20 4.35
C VAL A 9 -1.60 3.54 4.56
N GLY A 10 -1.35 4.62 5.29
CA GLY A 10 0.01 5.04 5.55
C GLY A 10 0.08 6.26 6.42
N ALA A 11 1.28 6.58 6.88
CA ALA A 11 1.51 7.73 7.73
C ALA A 11 1.92 8.95 6.90
N VAL A 12 2.13 10.07 7.57
CA VAL A 12 2.52 11.31 6.90
C VAL A 12 4.02 11.29 6.56
N GLY A 13 4.32 11.46 5.28
CA GLY A 13 5.71 11.48 4.85
C GLY A 13 6.02 10.39 3.85
N VAL A 14 5.02 9.55 3.55
CA VAL A 14 5.21 8.47 2.60
C VAL A 14 4.76 8.87 1.20
N GLY A 15 3.64 9.60 1.13
CA GLY A 15 3.12 10.03 -0.16
C GLY A 15 2.31 8.94 -0.82
N LYS A 16 1.14 8.65 -0.27
CA LYS A 16 0.27 7.59 -0.79
C LYS A 16 -0.30 7.95 -2.15
N SER A 17 -0.89 9.13 -2.25
CA SER A 17 -1.51 9.59 -3.48
C SER A 17 -0.51 9.73 -4.63
N ALA A 18 0.77 9.83 -4.28
CA ALA A 18 1.83 9.97 -5.28
C ALA A 18 1.88 8.75 -6.19
N LEU A 19 1.59 7.57 -5.63
CA LEU A 19 1.62 6.34 -6.42
C LEU A 19 0.37 6.22 -7.26
N THR A 20 -0.76 6.61 -6.70
CA THR A 20 -2.05 6.54 -7.39
C THR A 20 -2.04 7.37 -8.66
N ILE A 21 -1.53 8.60 -8.57
CA ILE A 21 -1.48 9.49 -9.73
C ILE A 21 -0.58 8.91 -10.81
N GLN A 22 0.43 8.15 -10.39
CA GLN A 22 1.36 7.52 -11.32
C GLN A 22 0.66 6.43 -12.13
N LEU A 23 -0.31 5.78 -11.50
CA LEU A 23 -1.07 4.71 -12.14
C LEU A 23 -2.18 5.30 -13.01
N ILE A 24 -2.66 6.48 -12.65
CA ILE A 24 -3.74 7.13 -13.39
C ILE A 24 -3.22 7.87 -14.62
N GLN A 25 -2.52 8.99 -14.40
CA GLN A 25 -2.02 9.80 -15.50
C GLN A 25 -0.49 9.74 -15.61
N ASN A 26 0.12 8.87 -14.80
CA ASN A 26 1.58 8.69 -14.78
C ASN A 26 2.29 10.01 -14.50
N HIS A 27 1.86 10.69 -13.46
CA HIS A 27 2.46 11.97 -13.08
C HIS A 27 2.95 11.93 -11.64
N PHE A 28 4.22 12.22 -11.45
CA PHE A 28 4.79 12.23 -10.11
C PHE A 28 4.66 13.60 -9.48
N VAL A 29 3.78 13.70 -8.50
CA VAL A 29 3.56 14.96 -7.79
C VAL A 29 4.53 15.08 -6.62
N ASP A 30 5.21 16.22 -6.54
CA ASP A 30 6.17 16.44 -5.47
C ASP A 30 5.49 17.07 -4.27
N GLU A 31 4.52 17.93 -4.54
CA GLU A 31 3.78 18.63 -3.50
C GLU A 31 2.99 17.65 -2.64
N TYR A 32 2.81 18.01 -1.38
CA TYR A 32 2.07 17.18 -0.46
C TYR A 32 0.65 17.73 -0.28
N ASP A 33 -0.31 17.12 -0.95
CA ASP A 33 -1.70 17.54 -0.86
C ASP A 33 -2.48 16.54 0.00
N PRO A 34 -2.83 16.94 1.23
CA PRO A 34 -3.57 16.07 2.16
C PRO A 34 -4.97 15.74 1.66
N THR A 35 -5.17 14.49 1.26
CA THR A 35 -6.45 14.02 0.77
C THR A 35 -7.40 13.69 1.92
N ILE A 36 -8.69 13.84 1.69
CA ILE A 36 -9.68 13.54 2.71
C ILE A 36 -10.52 12.32 2.32
N GLU A 37 -11.09 12.37 1.12
CA GLU A 37 -11.92 11.28 0.62
C GLU A 37 -11.90 11.23 -0.90
N ASP A 38 -11.28 10.18 -1.45
CA ASP A 38 -11.20 10.03 -2.90
C ASP A 38 -10.93 8.58 -3.28
N SER A 39 -11.65 8.11 -4.29
CA SER A 39 -11.51 6.75 -4.79
C SER A 39 -11.16 6.80 -6.27
N TYR A 40 -10.16 6.04 -6.67
CA TYR A 40 -9.73 6.03 -8.05
C TYR A 40 -9.91 4.64 -8.65
N ARG A 41 -10.78 4.55 -9.65
CA ARG A 41 -11.06 3.29 -10.31
C ARG A 41 -10.50 3.29 -11.71
N LYS A 42 -9.81 2.22 -12.07
CA LYS A 42 -9.23 2.11 -13.39
C LYS A 42 -9.17 0.65 -13.82
N GLN A 43 -9.24 0.42 -15.13
CA GLN A 43 -9.19 -0.93 -15.68
C GLN A 43 -7.75 -1.32 -15.96
N VAL A 44 -7.20 -2.18 -15.11
CA VAL A 44 -5.82 -2.62 -15.27
C VAL A 44 -5.78 -4.08 -15.71
N VAL A 45 -4.98 -4.37 -16.71
CA VAL A 45 -4.83 -5.73 -17.22
C VAL A 45 -3.76 -6.46 -16.44
N ILE A 46 -4.19 -7.33 -15.54
CA ILE A 46 -3.27 -8.09 -14.71
C ILE A 46 -2.99 -9.45 -15.31
N ASP A 47 -1.84 -9.57 -15.99
CA ASP A 47 -1.41 -10.83 -16.60
C ASP A 47 -2.38 -11.28 -17.68
N GLY A 48 -3.03 -10.32 -18.33
CA GLY A 48 -3.97 -10.64 -19.37
C GLY A 48 -5.41 -10.61 -18.89
N GLU A 49 -5.58 -10.54 -17.57
CA GLU A 49 -6.92 -10.52 -16.99
C GLU A 49 -7.27 -9.09 -16.56
N THR A 50 -8.20 -8.48 -17.26
CA THR A 50 -8.63 -7.12 -16.95
C THR A 50 -9.44 -7.12 -15.65
N CYS A 51 -9.02 -6.29 -14.71
CA CYS A 51 -9.68 -6.19 -13.43
C CYS A 51 -9.96 -4.73 -13.09
N LEU A 52 -10.99 -4.50 -12.29
CA LEU A 52 -11.36 -3.15 -11.87
C LEU A 52 -10.70 -2.85 -10.53
N LEU A 53 -9.72 -1.98 -10.55
CA LEU A 53 -9.01 -1.63 -9.33
C LEU A 53 -9.63 -0.41 -8.65
N ASP A 54 -10.22 -0.66 -7.48
CA ASP A 54 -10.84 0.38 -6.67
C ASP A 54 -9.92 0.70 -5.50
N ILE A 55 -9.13 1.75 -5.63
CA ILE A 55 -8.20 2.12 -4.57
C ILE A 55 -8.61 3.42 -3.89
N LEU A 56 -8.78 3.35 -2.58
CA LEU A 56 -9.15 4.51 -1.79
C LEU A 56 -7.96 4.98 -0.97
N ASP A 57 -7.73 6.28 -0.99
CA ASP A 57 -6.62 6.87 -0.25
C ASP A 57 -7.10 7.29 1.14
N THR A 58 -6.27 7.06 2.14
CA THR A 58 -6.64 7.40 3.50
C THR A 58 -5.88 8.64 3.98
N ALA A 59 -6.11 9.03 5.22
CA ALA A 59 -5.43 10.17 5.79
C ALA A 59 -4.24 9.71 6.61
N GLY A 60 -3.20 10.52 6.68
CA GLY A 60 -2.02 10.15 7.43
C GLY A 60 -2.19 10.35 8.93
N GLN A 61 -3.22 11.11 9.29
CA GLN A 61 -3.50 11.39 10.70
C GLN A 61 -4.49 10.39 11.23
N GLU A 62 -4.36 10.06 12.51
CA GLU A 62 -5.26 9.10 13.15
C GLU A 62 -6.45 9.82 13.77
N GLU A 63 -6.90 10.88 13.12
CA GLU A 63 -8.03 11.67 13.60
C GLU A 63 -9.35 10.93 13.35
N TYR A 64 -9.43 10.27 12.21
CA TYR A 64 -10.63 9.54 11.83
C TYR A 64 -10.45 8.05 12.09
N SER A 65 -10.15 7.71 13.33
CA SER A 65 -9.92 6.33 13.74
C SER A 65 -11.17 5.48 13.49
N ALA A 66 -12.34 6.06 13.76
CA ALA A 66 -13.59 5.35 13.55
C ALA A 66 -13.86 5.16 12.07
N MET A 67 -13.56 6.18 11.28
CA MET A 67 -13.75 6.11 9.84
C MET A 67 -12.80 5.09 9.23
N ARG A 68 -11.59 5.02 9.79
CA ARG A 68 -10.59 4.06 9.33
C ARG A 68 -11.09 2.63 9.53
N ASP A 69 -11.74 2.41 10.67
CA ASP A 69 -12.28 1.10 11.01
C ASP A 69 -13.44 0.72 10.10
N GLN A 70 -14.21 1.73 9.71
CA GLN A 70 -15.37 1.53 8.83
C GLN A 70 -14.99 0.85 7.52
N TYR A 71 -14.07 1.44 6.77
CA TYR A 71 -13.68 0.85 5.50
C TYR A 71 -12.54 -0.17 5.67
N MET A 72 -12.18 -0.43 6.91
CA MET A 72 -11.12 -1.41 7.21
C MET A 72 -11.69 -2.81 7.06
N ARG A 73 -13.01 -2.88 7.06
CA ARG A 73 -13.72 -4.14 6.91
C ARG A 73 -13.96 -4.42 5.43
N THR A 74 -14.35 -3.39 4.70
CA THR A 74 -14.63 -3.51 3.27
C THR A 74 -13.35 -3.70 2.46
N GLY A 75 -12.26 -3.13 2.95
CA GLY A 75 -10.99 -3.23 2.25
C GLY A 75 -10.51 -4.67 2.16
N GLU A 76 -10.32 -5.14 0.94
CA GLU A 76 -9.86 -6.50 0.70
C GLU A 76 -8.34 -6.57 0.78
N GLY A 77 -7.68 -5.77 -0.04
CA GLY A 77 -6.22 -5.73 -0.05
C GLY A 77 -5.69 -4.53 0.68
N PHE A 78 -4.79 -4.75 1.63
CA PHE A 78 -4.20 -3.68 2.40
C PHE A 78 -2.79 -3.39 1.91
N LEU A 79 -2.54 -2.13 1.57
CA LEU A 79 -1.23 -1.71 1.10
C LEU A 79 -0.39 -1.18 2.26
N CYS A 80 0.58 -1.95 2.70
CA CYS A 80 1.46 -1.54 3.78
C CYS A 80 2.62 -0.74 3.21
N VAL A 81 2.37 0.54 2.96
CA VAL A 81 3.37 1.43 2.39
C VAL A 81 4.09 2.22 3.48
N PHE A 82 5.40 2.04 3.56
CA PHE A 82 6.21 2.76 4.53
C PHE A 82 7.33 3.47 3.80
N ALA A 83 8.07 4.31 4.49
CA ALA A 83 9.15 5.05 3.86
C ALA A 83 10.48 4.71 4.52
N ILE A 84 11.51 4.48 3.70
CA ILE A 84 12.83 4.14 4.21
C ILE A 84 13.50 5.37 4.82
N ASN A 85 12.92 6.53 4.55
CA ASN A 85 13.44 7.79 5.08
C ASN A 85 12.79 8.10 6.42
N ASN A 86 11.68 7.43 6.71
CA ASN A 86 10.97 7.64 7.95
C ASN A 86 10.86 6.34 8.72
N THR A 87 11.74 6.17 9.70
CA THR A 87 11.80 4.97 10.52
C THR A 87 10.51 4.77 11.34
N LYS A 88 9.77 5.85 11.56
CA LYS A 88 8.54 5.76 12.34
C LYS A 88 7.48 4.94 11.60
N SER A 89 7.34 5.16 10.30
CA SER A 89 6.37 4.42 9.50
C SER A 89 6.72 2.93 9.46
N PHE A 90 8.01 2.64 9.62
CA PHE A 90 8.50 1.27 9.62
C PHE A 90 7.95 0.52 10.84
N GLU A 91 7.97 1.19 11.98
CA GLU A 91 7.48 0.60 13.22
C GLU A 91 5.94 0.61 13.26
N ASP A 92 5.34 1.57 12.58
CA ASP A 92 3.88 1.70 12.52
C ASP A 92 3.25 0.49 11.84
N ILE A 93 4.00 -0.11 10.91
CA ILE A 93 3.52 -1.27 10.16
C ILE A 93 3.09 -2.40 11.11
N HIS A 94 3.82 -2.56 12.20
CA HIS A 94 3.52 -3.58 13.19
C HIS A 94 2.15 -3.31 13.82
N HIS A 95 1.89 -2.04 14.09
CA HIS A 95 0.62 -1.63 14.68
C HIS A 95 -0.54 -1.89 13.72
N TYR A 96 -0.35 -1.51 12.47
CA TYR A 96 -1.37 -1.71 11.45
C TYR A 96 -1.66 -3.19 11.25
N ARG A 97 -0.60 -4.00 11.23
CA ARG A 97 -0.72 -5.45 11.04
C ARG A 97 -1.68 -6.04 12.06
N GLU A 98 -1.49 -5.66 13.32
CA GLU A 98 -2.33 -6.15 14.39
C GLU A 98 -3.75 -5.63 14.27
N GLN A 99 -3.89 -4.35 13.94
CA GLN A 99 -5.20 -3.72 13.79
C GLN A 99 -5.99 -4.37 12.65
N ILE A 100 -5.29 -4.75 11.58
CA ILE A 100 -5.94 -5.40 10.45
C ILE A 100 -6.51 -6.75 10.87
N LYS A 101 -5.74 -7.52 11.62
CA LYS A 101 -6.19 -8.83 12.09
C LYS A 101 -7.34 -8.66 13.07
N ARG A 102 -7.33 -7.55 13.78
CA ARG A 102 -8.35 -7.23 14.76
C ARG A 102 -9.73 -7.00 14.12
N VAL A 103 -9.75 -6.65 12.85
CA VAL A 103 -11.01 -6.40 12.17
C VAL A 103 -11.30 -7.46 11.10
N LYS A 104 -10.32 -8.31 10.84
CA LYS A 104 -10.48 -9.35 9.83
C LYS A 104 -10.69 -10.73 10.46
N ASP A 105 -10.13 -10.93 11.64
CA ASP A 105 -10.24 -12.20 12.36
C ASP A 105 -9.76 -13.33 11.47
N SER A 106 -8.48 -13.30 11.15
CA SER A 106 -7.87 -14.30 10.29
C SER A 106 -6.35 -14.18 10.38
N GLU A 107 -5.69 -15.31 10.50
CA GLU A 107 -4.24 -15.35 10.59
C GLU A 107 -3.62 -15.07 9.22
N ASP A 108 -4.42 -15.23 8.18
CA ASP A 108 -3.97 -14.98 6.82
C ASP A 108 -4.90 -14.00 6.12
N VAL A 109 -4.31 -12.98 5.51
CA VAL A 109 -5.08 -11.94 4.82
C VAL A 109 -4.21 -11.29 3.74
N PRO A 110 -4.80 -11.03 2.54
CA PRO A 110 -4.09 -10.38 1.42
C PRO A 110 -3.49 -9.03 1.80
N MET A 111 -2.17 -9.00 1.94
CA MET A 111 -1.44 -7.79 2.29
C MET A 111 -0.13 -7.74 1.54
N VAL A 112 0.38 -6.54 1.31
CA VAL A 112 1.64 -6.36 0.62
C VAL A 112 2.51 -5.34 1.33
N LEU A 113 3.81 -5.61 1.38
CA LEU A 113 4.75 -4.70 2.02
C LEU A 113 5.57 -3.98 0.97
N VAL A 114 5.44 -2.66 0.93
CA VAL A 114 6.18 -1.87 -0.05
C VAL A 114 6.84 -0.66 0.60
N GLY A 115 8.09 -0.41 0.22
CA GLY A 115 8.81 0.72 0.77
C GLY A 115 8.95 1.82 -0.26
N ASN A 116 8.52 3.02 0.09
CA ASN A 116 8.59 4.16 -0.83
C ASN A 116 9.69 5.12 -0.41
N LYS A 117 9.96 6.11 -1.29
CA LYS A 117 10.99 7.12 -1.06
C LYS A 117 12.38 6.49 -1.06
N SER A 118 12.51 5.38 -1.79
CA SER A 118 13.76 4.65 -1.89
C SER A 118 14.76 5.37 -2.79
N ASP A 119 14.42 6.59 -3.20
CA ASP A 119 15.27 7.40 -4.05
C ASP A 119 16.01 8.46 -3.23
N LEU A 120 15.69 8.54 -1.95
CA LEU A 120 16.31 9.51 -1.07
C LEU A 120 17.57 8.94 -0.46
N PRO A 121 18.68 9.71 -0.50
CA PRO A 121 19.97 9.27 0.05
C PRO A 121 19.94 9.14 1.57
N SER A 122 18.99 9.80 2.21
CA SER A 122 18.83 9.75 3.64
C SER A 122 18.05 8.50 4.04
N ARG A 123 18.73 7.35 4.03
CA ARG A 123 18.10 6.08 4.36
C ARG A 123 18.21 5.79 5.85
N THR A 124 17.07 5.76 6.52
CA THR A 124 17.04 5.47 7.95
C THR A 124 16.64 4.01 8.18
N VAL A 125 16.00 3.43 7.18
CA VAL A 125 15.56 2.04 7.26
C VAL A 125 16.47 1.16 6.41
N ASP A 126 17.05 0.14 7.05
CA ASP A 126 17.94 -0.78 6.37
C ASP A 126 17.15 -1.73 5.47
N THR A 127 17.64 -1.92 4.25
CA THR A 127 17.01 -2.79 3.28
C THR A 127 16.90 -4.24 3.79
N LYS A 128 17.93 -4.68 4.50
CA LYS A 128 17.94 -6.04 5.03
C LYS A 128 16.82 -6.20 6.06
N GLN A 129 16.71 -5.23 6.96
CA GLN A 129 15.67 -5.24 7.99
C GLN A 129 14.28 -5.33 7.35
N ALA A 130 14.09 -4.57 6.28
CA ALA A 130 12.81 -4.56 5.57
C ALA A 130 12.53 -5.93 4.95
N GLN A 131 13.56 -6.51 4.33
CA GLN A 131 13.43 -7.82 3.70
C GLN A 131 13.22 -8.93 4.73
N ASP A 132 14.01 -8.88 5.80
CA ASP A 132 13.89 -9.86 6.87
C ASP A 132 12.52 -9.77 7.53
N LEU A 133 12.06 -8.55 7.73
CA LEU A 133 10.77 -8.30 8.34
C LEU A 133 9.66 -8.86 7.44
N ALA A 134 9.84 -8.72 6.14
CA ALA A 134 8.88 -9.22 5.17
C ALA A 134 8.76 -10.73 5.29
N ARG A 135 9.90 -11.39 5.54
CA ARG A 135 9.94 -12.83 5.70
C ARG A 135 9.26 -13.22 7.01
N SER A 136 9.42 -12.38 8.03
CA SER A 136 8.81 -12.64 9.33
C SER A 136 7.29 -12.60 9.22
N TYR A 137 6.79 -11.75 8.33
CA TYR A 137 5.36 -11.62 8.11
C TYR A 137 4.89 -12.66 7.10
N GLY A 138 5.73 -12.95 6.12
CA GLY A 138 5.39 -13.92 5.10
C GLY A 138 4.68 -13.29 3.92
N ILE A 139 5.09 -12.07 3.59
CA ILE A 139 4.50 -11.33 2.49
C ILE A 139 5.57 -10.81 1.55
N PRO A 140 5.22 -10.57 0.27
CA PRO A 140 6.15 -10.05 -0.72
C PRO A 140 6.53 -8.60 -0.44
N PHE A 141 7.79 -8.27 -0.66
CA PHE A 141 8.26 -6.92 -0.45
C PHE A 141 8.72 -6.32 -1.77
N ILE A 142 8.14 -5.20 -2.13
CA ILE A 142 8.50 -4.54 -3.38
C ILE A 142 9.13 -3.19 -3.09
N GLU A 143 10.28 -2.95 -3.71
CA GLU A 143 11.00 -1.70 -3.56
C GLU A 143 10.40 -0.65 -4.49
N THR A 144 9.64 0.27 -3.92
CA THR A 144 8.98 1.30 -4.71
C THR A 144 9.74 2.63 -4.68
N SER A 145 9.88 3.24 -5.85
CA SER A 145 10.53 4.52 -6.01
C SER A 145 9.65 5.39 -6.89
N ALA A 146 9.08 6.43 -6.30
CA ALA A 146 8.19 7.33 -7.02
C ALA A 146 8.93 8.26 -7.97
N LYS A 147 10.17 8.57 -7.65
CA LYS A 147 10.96 9.49 -8.48
C LYS A 147 11.45 8.84 -9.77
N THR A 148 12.11 7.69 -9.65
CA THR A 148 12.64 7.02 -10.83
C THR A 148 11.64 6.02 -11.40
N ARG A 149 10.47 5.94 -10.77
CA ARG A 149 9.41 5.03 -11.19
C ARG A 149 9.89 3.58 -11.23
N GLN A 150 10.29 3.08 -10.07
CA GLN A 150 10.78 1.71 -9.96
C GLN A 150 9.95 0.96 -8.94
N GLY A 151 9.56 -0.27 -9.26
CA GLY A 151 8.76 -1.07 -8.36
C GLY A 151 7.38 -0.48 -8.14
N VAL A 152 6.83 0.11 -9.20
CA VAL A 152 5.51 0.72 -9.12
C VAL A 152 4.47 -0.18 -9.78
N ASP A 153 4.65 -0.41 -11.08
CA ASP A 153 3.72 -1.24 -11.84
C ASP A 153 3.74 -2.68 -11.34
N ASP A 154 4.95 -3.19 -11.12
CA ASP A 154 5.14 -4.56 -10.65
C ASP A 154 4.50 -4.79 -9.29
N ALA A 155 4.40 -3.72 -8.50
CA ALA A 155 3.80 -3.79 -7.17
C ALA A 155 2.30 -4.08 -7.27
N PHE A 156 1.65 -3.48 -8.26
CA PHE A 156 0.23 -3.67 -8.45
C PHE A 156 -0.05 -5.07 -8.99
N TYR A 157 0.84 -5.55 -9.85
CA TYR A 157 0.69 -6.87 -10.44
C TYR A 157 0.82 -7.96 -9.39
N THR A 158 1.87 -7.88 -8.57
CA THR A 158 2.10 -8.86 -7.53
C THR A 158 0.97 -8.83 -6.49
N LEU A 159 0.43 -7.64 -6.26
CA LEU A 159 -0.67 -7.45 -5.33
C LEU A 159 -1.86 -8.31 -5.70
N VAL A 160 -2.37 -8.12 -6.92
CA VAL A 160 -3.51 -8.87 -7.41
C VAL A 160 -3.20 -10.37 -7.49
N ARG A 161 -1.96 -10.70 -7.84
CA ARG A 161 -1.53 -12.08 -7.94
C ARG A 161 -1.70 -12.81 -6.60
N GLU A 162 -1.31 -12.13 -5.53
CA GLU A 162 -1.43 -12.70 -4.18
C GLU A 162 -2.90 -12.86 -3.80
N ILE A 163 -3.70 -11.86 -4.17
CA ILE A 163 -5.13 -11.89 -3.88
C ILE A 163 -5.79 -13.09 -4.55
N ARG A 164 -5.39 -13.35 -5.79
CA ARG A 164 -5.93 -14.47 -6.54
C ARG A 164 -5.48 -15.78 -5.92
N LYS A 165 -4.25 -15.78 -5.41
CA LYS A 165 -3.67 -16.96 -4.76
C LYS A 165 -4.47 -17.32 -3.51
N HIS A 166 -4.68 -16.35 -2.64
CA HIS A 166 -5.43 -16.54 -1.41
C HIS A 166 -6.88 -16.90 -1.72
N LYS A 167 -7.41 -16.32 -2.78
CA LYS A 167 -8.78 -16.58 -3.19
C LYS A 167 -8.94 -18.04 -3.61
N GLU A 168 -8.24 -18.44 -4.65
CA GLU A 168 -8.30 -19.81 -5.15
C GLU A 168 -6.92 -20.29 -5.57
N1 W1Y B . -15.75 2.29 -1.65
C4 W1Y B . -16.25 1.59 0.26
C5 W1Y B . -14.17 1.00 -0.75
C6 W1Y B . -13.74 0.24 0.33
C7 W1Y B . -12.50 -0.38 0.30
C8 W1Y B . -11.69 -0.25 -0.82
C10 W1Y B . -13.36 1.11 -1.88
C W1Y B . -17.18 3.02 2.60
N W1Y B . -18.25 3.57 1.77
C1 W1Y B . -18.54 2.64 0.67
C2 W1Y B . -17.26 2.35 -0.12
N2 W1Y B . -15.35 1.60 -0.72
C3 W1Y B . -16.95 2.80 -1.34
C9 W1Y B . -12.11 0.50 -1.91
H1 W1Y B . -16.20 1.02 1.13
H2 W1Y B . -14.31 0.21 1.20
H3 W1Y B . -12.21 -1.01 1.07
H4 W1Y B . -10.72 -0.64 -0.81
H5 W1Y B . -13.65 1.72 -2.67
H6 W1Y B . -17.28 3.40 3.62
H7 W1Y B . -16.21 3.31 2.20
H8 W1Y B . -17.25 1.93 2.63
H9 W1Y B . -17.96 4.45 1.40
H11 W1Y B . -19.28 3.10 0.00
H12 W1Y B . -18.94 1.71 1.07
H13 W1Y B . -17.57 3.34 -1.96
H14 W1Y B . -11.48 0.66 -2.70
N MET A 1 -16.88 -7.85 -15.16
CA MET A 1 -15.46 -7.65 -14.97
C MET A 1 -15.09 -7.82 -13.50
N THR A 2 -13.90 -8.33 -13.25
CA THR A 2 -13.42 -8.56 -11.89
C THR A 2 -13.18 -7.26 -11.15
N GLU A 3 -13.42 -7.27 -9.84
CA GLU A 3 -13.24 -6.10 -9.01
C GLU A 3 -12.24 -6.39 -7.89
N TYR A 4 -11.47 -5.37 -7.51
CA TYR A 4 -10.48 -5.50 -6.46
C TYR A 4 -10.51 -4.28 -5.56
N LYS A 5 -10.85 -4.48 -4.30
CA LYS A 5 -10.90 -3.38 -3.34
C LYS A 5 -9.57 -3.22 -2.61
N LEU A 6 -8.82 -2.21 -3.00
CA LEU A 6 -7.52 -1.94 -2.39
C LEU A 6 -7.54 -0.61 -1.65
N VAL A 7 -7.03 -0.62 -0.43
CA VAL A 7 -6.98 0.60 0.38
C VAL A 7 -5.54 0.93 0.76
N VAL A 8 -5.17 2.19 0.57
CA VAL A 8 -3.83 2.64 0.90
C VAL A 8 -3.74 3.03 2.36
N VAL A 9 -3.05 2.21 3.15
CA VAL A 9 -2.91 2.46 4.58
C VAL A 9 -1.48 2.89 4.91
N GLY A 10 -1.22 4.18 4.84
CA GLY A 10 0.09 4.70 5.15
C GLY A 10 0.03 5.99 5.92
N ALA A 11 1.18 6.55 6.24
CA ALA A 11 1.26 7.79 6.97
C ALA A 11 1.77 8.93 6.08
N VAL A 12 2.33 9.95 6.71
CA VAL A 12 2.85 11.11 5.97
C VAL A 12 4.35 10.94 5.69
N GLY A 13 4.77 11.39 4.51
CA GLY A 13 6.18 11.28 4.14
C GLY A 13 6.46 10.03 3.35
N VAL A 14 5.41 9.32 2.98
CA VAL A 14 5.55 8.09 2.21
C VAL A 14 5.27 8.34 0.73
N GLY A 15 4.27 9.18 0.46
CA GLY A 15 3.91 9.48 -0.90
C GLY A 15 2.71 8.68 -1.35
N LYS A 16 1.68 8.64 -0.50
CA LYS A 16 0.45 7.90 -0.77
C LYS A 16 -0.19 8.37 -2.07
N SER A 17 -0.66 9.61 -2.07
CA SER A 17 -1.31 10.19 -3.23
C SER A 17 -0.37 10.26 -4.44
N ALA A 18 0.91 10.47 -4.16
CA ALA A 18 1.91 10.55 -5.21
C ALA A 18 1.96 9.27 -6.02
N LEU A 19 1.86 8.13 -5.33
CA LEU A 19 1.88 6.83 -5.98
C LEU A 19 0.54 6.54 -6.65
N THR A 20 -0.53 7.14 -6.13
CA THR A 20 -1.86 6.92 -6.68
C THR A 20 -2.01 7.60 -8.04
N ILE A 21 -1.70 8.90 -8.09
CA ILE A 21 -1.81 9.67 -9.32
C ILE A 21 -0.87 9.12 -10.39
N GLN A 22 0.20 8.49 -9.94
CA GLN A 22 1.19 7.89 -10.85
C GLN A 22 0.54 6.76 -11.66
N LEU A 23 -0.52 6.18 -11.12
CA LEU A 23 -1.23 5.09 -11.80
C LEU A 23 -2.50 5.59 -12.46
N ILE A 24 -3.20 6.51 -11.77
CA ILE A 24 -4.46 7.07 -12.28
C ILE A 24 -4.27 7.70 -13.65
N GLN A 25 -3.45 8.73 -13.72
CA GLN A 25 -3.21 9.43 -14.98
C GLN A 25 -1.72 9.40 -15.34
N ASN A 26 -0.99 8.54 -14.64
CA ASN A 26 0.45 8.37 -14.84
C ASN A 26 1.21 9.69 -14.68
N HIS A 27 0.89 10.41 -13.62
CA HIS A 27 1.52 11.71 -13.36
C HIS A 27 2.05 11.78 -11.93
N PHE A 28 3.24 12.33 -11.76
CA PHE A 28 3.85 12.46 -10.45
C PHE A 28 3.67 13.89 -9.92
N VAL A 29 3.26 13.99 -8.65
CA VAL A 29 3.06 15.30 -8.03
C VAL A 29 4.11 15.54 -6.93
N ASP A 30 4.73 16.72 -6.96
CA ASP A 30 5.73 17.07 -5.97
C ASP A 30 5.09 17.59 -4.69
N GLU A 31 3.95 18.24 -4.84
CA GLU A 31 3.22 18.79 -3.70
C GLU A 31 2.49 17.70 -2.93
N TYR A 32 2.27 17.93 -1.64
CA TYR A 32 1.57 16.98 -0.79
C TYR A 32 0.21 17.55 -0.41
N ASP A 33 -0.83 16.78 -0.63
CA ASP A 33 -2.17 17.22 -0.30
C ASP A 33 -2.94 16.12 0.44
N PRO A 34 -3.40 16.42 1.66
CA PRO A 34 -4.16 15.47 2.48
C PRO A 34 -5.52 15.12 1.86
N THR A 35 -5.58 14.00 1.16
CA THR A 35 -6.82 13.55 0.54
C THR A 35 -7.80 13.06 1.61
N ILE A 36 -8.94 13.71 1.70
CA ILE A 36 -9.95 13.35 2.69
C ILE A 36 -10.65 12.05 2.35
N GLU A 37 -11.27 12.00 1.18
CA GLU A 37 -11.97 10.81 0.75
C GLU A 37 -12.14 10.81 -0.78
N ASP A 38 -11.13 10.34 -1.48
CA ASP A 38 -11.17 10.30 -2.94
C ASP A 38 -11.14 8.86 -3.45
N SER A 39 -12.18 8.48 -4.17
CA SER A 39 -12.28 7.14 -4.71
C SER A 39 -11.91 7.13 -6.20
N TYR A 40 -10.97 6.26 -6.56
CA TYR A 40 -10.52 6.17 -7.94
C TYR A 40 -10.59 4.73 -8.43
N ARG A 41 -11.34 4.51 -9.51
CA ARG A 41 -11.48 3.19 -10.09
C ARG A 41 -10.93 3.18 -11.51
N LYS A 42 -9.90 2.36 -11.74
CA LYS A 42 -9.27 2.27 -13.04
C LYS A 42 -9.22 0.82 -13.52
N GLN A 43 -9.25 0.63 -14.83
CA GLN A 43 -9.19 -0.70 -15.42
C GLN A 43 -7.74 -1.05 -15.73
N VAL A 44 -7.13 -1.84 -14.86
CA VAL A 44 -5.74 -2.25 -15.02
C VAL A 44 -5.65 -3.66 -15.60
N VAL A 45 -4.61 -3.91 -16.37
CA VAL A 45 -4.42 -5.21 -16.99
C VAL A 45 -3.41 -6.03 -16.19
N ILE A 46 -3.90 -7.04 -15.48
CA ILE A 46 -3.03 -7.89 -14.68
C ILE A 46 -2.99 -9.29 -15.28
N ASP A 47 -1.78 -9.72 -15.66
CA ASP A 47 -1.58 -11.05 -16.25
C ASP A 47 -2.36 -11.18 -17.56
N GLY A 48 -2.52 -10.05 -18.26
CA GLY A 48 -3.25 -10.05 -19.52
C GLY A 48 -4.75 -9.97 -19.32
N GLU A 49 -5.16 -9.89 -18.06
CA GLU A 49 -6.57 -9.82 -17.70
C GLU A 49 -6.94 -8.42 -17.21
N THR A 50 -7.90 -7.80 -17.87
CA THR A 50 -8.35 -6.47 -17.51
C THR A 50 -9.34 -6.54 -16.35
N CYS A 51 -9.08 -5.78 -15.29
CA CYS A 51 -9.96 -5.77 -14.13
C CYS A 51 -10.10 -4.38 -13.56
N LEU A 52 -11.17 -4.17 -12.80
CA LEU A 52 -11.43 -2.88 -12.17
C LEU A 52 -10.73 -2.83 -10.82
N LEU A 53 -9.90 -1.82 -10.64
CA LEU A 53 -9.17 -1.67 -9.39
C LEU A 53 -9.68 -0.47 -8.58
N ASP A 54 -10.41 -0.79 -7.52
CA ASP A 54 -10.95 0.21 -6.61
C ASP A 54 -9.88 0.60 -5.61
N ILE A 55 -9.30 1.78 -5.75
CA ILE A 55 -8.24 2.22 -4.87
C ILE A 55 -8.63 3.49 -4.11
N LEU A 56 -8.54 3.44 -2.78
CA LEU A 56 -8.86 4.59 -1.96
C LEU A 56 -7.72 4.88 -0.99
N ASP A 57 -7.43 6.15 -0.80
CA ASP A 57 -6.38 6.57 0.11
C ASP A 57 -6.98 6.90 1.47
N THR A 58 -6.32 6.46 2.55
CA THR A 58 -6.83 6.73 3.89
C THR A 58 -6.04 7.86 4.53
N ALA A 59 -6.76 8.76 5.19
CA ALA A 59 -6.13 9.90 5.84
C ALA A 59 -5.13 9.42 6.89
N GLY A 60 -3.89 9.85 6.74
CA GLY A 60 -2.85 9.45 7.67
C GLY A 60 -2.89 10.26 8.96
N GLN A 61 -3.85 11.14 9.05
CA GLN A 61 -4.02 11.98 10.22
C GLN A 61 -4.94 11.30 11.23
N GLU A 62 -4.78 11.63 12.49
CA GLU A 62 -5.60 11.03 13.53
C GLU A 62 -6.87 11.86 13.80
N GLU A 63 -7.69 11.98 12.78
CA GLU A 63 -8.93 12.72 12.88
C GLU A 63 -10.10 11.74 12.79
N TYR A 64 -10.27 11.16 11.62
CA TYR A 64 -11.34 10.19 11.39
C TYR A 64 -10.77 8.79 11.59
N SER A 65 -10.24 8.56 12.78
CA SER A 65 -9.64 7.28 13.13
C SER A 65 -10.66 6.15 13.07
N ALA A 66 -11.88 6.42 13.53
CA ALA A 66 -12.94 5.41 13.53
C ALA A 66 -13.40 5.12 12.10
N MET A 67 -13.39 6.16 11.27
CA MET A 67 -13.80 6.02 9.88
C MET A 67 -12.77 5.17 9.13
N ARG A 68 -11.53 5.22 9.57
CA ARG A 68 -10.46 4.47 8.95
C ARG A 68 -10.65 2.97 9.18
N ASP A 69 -11.10 2.59 10.37
CA ASP A 69 -11.30 1.17 10.67
C ASP A 69 -12.71 0.74 10.28
N GLN A 70 -13.52 1.70 9.84
CA GLN A 70 -14.89 1.42 9.44
C GLN A 70 -14.94 0.53 8.19
N TYR A 71 -14.15 0.86 7.19
CA TYR A 71 -14.13 0.08 5.94
C TYR A 71 -12.94 -0.88 5.90
N MET A 72 -12.43 -1.24 7.08
CA MET A 72 -11.29 -2.15 7.15
C MET A 72 -11.71 -3.56 6.78
N ARG A 73 -12.91 -3.95 7.16
CA ARG A 73 -13.43 -5.27 6.84
C ARG A 73 -13.78 -5.33 5.35
N THR A 74 -14.31 -4.23 4.83
CA THR A 74 -14.71 -4.15 3.44
C THR A 74 -13.50 -4.22 2.50
N GLY A 75 -12.39 -3.60 2.91
CA GLY A 75 -11.19 -3.61 2.10
C GLY A 75 -10.63 -5.01 1.93
N GLU A 76 -10.19 -5.32 0.72
CA GLU A 76 -9.61 -6.63 0.42
C GLU A 76 -8.11 -6.59 0.54
N GLY A 77 -7.48 -5.70 -0.21
CA GLY A 77 -6.04 -5.58 -0.20
C GLY A 77 -5.58 -4.31 0.48
N PHE A 78 -4.63 -4.45 1.39
CA PHE A 78 -4.09 -3.31 2.12
C PHE A 78 -2.68 -3.00 1.64
N LEU A 79 -2.47 -1.77 1.19
CA LEU A 79 -1.16 -1.37 0.70
C LEU A 79 -0.29 -0.87 1.85
N CYS A 80 0.53 -1.76 2.39
CA CYS A 80 1.42 -1.41 3.48
C CYS A 80 2.69 -0.78 2.92
N VAL A 81 2.62 0.48 2.59
CA VAL A 81 3.75 1.21 2.04
C VAL A 81 4.38 2.09 3.10
N PHE A 82 5.69 2.01 3.24
CA PHE A 82 6.41 2.81 4.20
C PHE A 82 7.62 3.45 3.52
N ALA A 83 8.10 4.53 4.09
CA ALA A 83 9.25 5.22 3.53
C ALA A 83 10.52 4.72 4.18
N ILE A 84 11.49 4.30 3.38
CA ILE A 84 12.76 3.79 3.90
C ILE A 84 13.61 4.93 4.47
N ASN A 85 13.10 6.15 4.33
CA ASN A 85 13.79 7.33 4.82
C ASN A 85 13.36 7.62 6.26
N ASN A 86 12.27 6.99 6.68
CA ASN A 86 11.75 7.19 8.02
C ASN A 86 11.67 5.84 8.75
N THR A 87 12.43 5.70 9.82
CA THR A 87 12.47 4.46 10.57
C THR A 87 11.22 4.28 11.45
N LYS A 88 10.50 5.37 11.70
CA LYS A 88 9.30 5.29 12.52
C LYS A 88 8.19 4.57 11.77
N SER A 89 8.04 4.91 10.50
CA SER A 89 7.02 4.29 9.65
C SER A 89 7.26 2.80 9.47
N PHE A 90 8.52 2.38 9.60
CA PHE A 90 8.88 0.98 9.45
C PHE A 90 8.24 0.13 10.54
N GLU A 91 8.35 0.60 11.78
CA GLU A 91 7.79 -0.11 12.92
C GLU A 91 6.32 0.24 13.11
N ASP A 92 5.88 1.30 12.43
CA ASP A 92 4.49 1.75 12.51
C ASP A 92 3.57 0.75 11.84
N ILE A 93 4.13 -0.03 10.92
CA ILE A 93 3.38 -1.04 10.20
C ILE A 93 2.86 -2.12 11.15
N HIS A 94 3.63 -2.41 12.20
CA HIS A 94 3.23 -3.42 13.18
C HIS A 94 1.96 -2.97 13.90
N HIS A 95 1.85 -1.68 14.16
CA HIS A 95 0.68 -1.12 14.81
C HIS A 95 -0.54 -1.34 13.94
N TYR A 96 -0.37 -1.13 12.64
CA TYR A 96 -1.46 -1.32 11.68
C TYR A 96 -1.82 -2.79 11.58
N ARG A 97 -0.82 -3.65 11.74
CA ARG A 97 -1.03 -5.10 11.69
C ARG A 97 -2.00 -5.52 12.79
N GLU A 98 -1.77 -4.98 13.99
CA GLU A 98 -2.62 -5.29 15.14
C GLU A 98 -4.05 -4.82 14.89
N GLN A 99 -4.19 -3.71 14.19
CA GLN A 99 -5.50 -3.16 13.88
C GLN A 99 -6.22 -4.01 12.83
N ILE A 100 -5.55 -4.29 11.73
CA ILE A 100 -6.13 -5.08 10.65
C ILE A 100 -6.47 -6.49 11.14
N LYS A 101 -5.53 -7.09 11.87
CA LYS A 101 -5.71 -8.44 12.43
C LYS A 101 -6.93 -8.48 13.34
N ARG A 102 -7.23 -7.36 13.96
CA ARG A 102 -8.35 -7.25 14.89
C ARG A 102 -9.69 -7.16 14.16
N VAL A 103 -9.80 -6.21 13.24
CA VAL A 103 -11.05 -6.00 12.52
C VAL A 103 -11.30 -7.10 11.49
N LYS A 104 -10.24 -7.57 10.84
CA LYS A 104 -10.37 -8.63 9.84
C LYS A 104 -10.68 -9.96 10.50
N ASP A 105 -10.15 -10.15 11.71
CA ASP A 105 -10.36 -11.39 12.47
C ASP A 105 -9.69 -12.57 11.76
N SER A 106 -8.86 -12.26 10.78
CA SER A 106 -8.16 -13.26 10.01
C SER A 106 -6.65 -13.09 10.15
N GLU A 107 -5.94 -14.18 10.32
CA GLU A 107 -4.48 -14.13 10.44
C GLU A 107 -3.84 -14.36 9.08
N ASP A 108 -4.60 -14.95 8.17
CA ASP A 108 -4.12 -15.22 6.82
C ASP A 108 -4.75 -14.25 5.83
N VAL A 109 -3.97 -13.27 5.38
CA VAL A 109 -4.44 -12.28 4.44
C VAL A 109 -3.36 -11.98 3.41
N PRO A 110 -3.72 -11.95 2.11
CA PRO A 110 -2.76 -11.68 1.04
C PRO A 110 -2.35 -10.21 0.98
N MET A 111 -1.26 -9.88 1.64
CA MET A 111 -0.75 -8.52 1.66
C MET A 111 0.74 -8.51 1.35
N VAL A 112 1.28 -7.33 1.10
CA VAL A 112 2.70 -7.19 0.79
C VAL A 112 3.30 -5.99 1.51
N LEU A 113 4.62 -6.00 1.65
CA LEU A 113 5.33 -4.90 2.27
C LEU A 113 5.99 -4.08 1.17
N VAL A 114 5.59 -2.82 1.04
CA VAL A 114 6.15 -1.98 0.00
C VAL A 114 7.02 -0.88 0.60
N GLY A 115 8.29 -0.87 0.20
CA GLY A 115 9.22 0.12 0.69
C GLY A 115 9.45 1.22 -0.32
N ASN A 116 8.84 2.37 -0.08
CA ASN A 116 8.95 3.51 -0.98
C ASN A 116 10.05 4.46 -0.52
N LYS A 117 10.29 5.50 -1.32
CA LYS A 117 11.32 6.51 -1.03
C LYS A 117 12.71 5.92 -1.15
N SER A 118 12.82 4.85 -1.94
CA SER A 118 14.10 4.19 -2.16
C SER A 118 14.97 4.99 -3.12
N ASP A 119 14.41 6.06 -3.63
CA ASP A 119 15.11 6.93 -4.56
C ASP A 119 15.98 7.92 -3.80
N LEU A 120 15.63 8.19 -2.56
CA LEU A 120 16.37 9.12 -1.73
C LEU A 120 17.64 8.45 -1.21
N PRO A 121 18.79 9.13 -1.35
CA PRO A 121 20.08 8.62 -0.88
C PRO A 121 20.11 8.39 0.62
N SER A 122 19.26 9.12 1.34
CA SER A 122 19.16 9.00 2.78
C SER A 122 18.36 7.75 3.15
N ARG A 123 19.06 6.63 3.28
CA ARG A 123 18.43 5.37 3.59
C ARG A 123 18.56 5.03 5.07
N THR A 124 17.49 5.24 5.83
CA THR A 124 17.50 4.95 7.24
C THR A 124 17.06 3.51 7.49
N VAL A 125 16.11 3.02 6.70
CA VAL A 125 15.63 1.65 6.84
C VAL A 125 16.44 0.72 5.92
N ASP A 126 17.21 -0.15 6.54
CA ASP A 126 18.03 -1.10 5.81
C ASP A 126 17.18 -2.21 5.20
N THR A 127 17.59 -2.66 4.03
CA THR A 127 16.87 -3.69 3.29
C THR A 127 16.83 -5.02 4.04
N LYS A 128 17.87 -5.32 4.81
CA LYS A 128 17.93 -6.56 5.58
C LYS A 128 16.76 -6.62 6.55
N GLN A 129 16.60 -5.54 7.31
CA GLN A 129 15.50 -5.46 8.27
C GLN A 129 14.16 -5.53 7.56
N ALA A 130 14.06 -4.88 6.41
CA ALA A 130 12.82 -4.89 5.63
C ALA A 130 12.46 -6.31 5.20
N GLN A 131 13.44 -7.02 4.65
CA GLN A 131 13.23 -8.39 4.21
C GLN A 131 13.01 -9.33 5.41
N ASP A 132 13.81 -9.12 6.44
CA ASP A 132 13.75 -9.92 7.66
C ASP A 132 12.36 -9.84 8.29
N LEU A 133 11.84 -8.62 8.42
CA LEU A 133 10.52 -8.42 9.00
C LEU A 133 9.44 -8.97 8.10
N ALA A 134 9.61 -8.76 6.78
CA ALA A 134 8.65 -9.26 5.81
C ALA A 134 8.45 -10.76 5.95
N ARG A 135 9.56 -11.48 6.07
CA ARG A 135 9.51 -12.92 6.21
C ARG A 135 8.85 -13.32 7.53
N SER A 136 9.07 -12.51 8.56
CA SER A 136 8.50 -12.76 9.87
C SER A 136 6.99 -12.62 9.83
N TYR A 137 6.49 -11.71 8.99
CA TYR A 137 5.06 -11.49 8.85
C TYR A 137 4.47 -12.50 7.86
N GLY A 138 5.36 -13.19 7.15
CA GLY A 138 4.94 -14.18 6.16
C GLY A 138 4.40 -13.51 4.91
N ILE A 139 5.01 -12.40 4.53
CA ILE A 139 4.59 -11.66 3.35
C ILE A 139 5.80 -11.22 2.52
N PRO A 140 5.60 -10.97 1.21
CA PRO A 140 6.68 -10.54 0.32
C PRO A 140 6.98 -9.04 0.46
N PHE A 141 8.18 -8.66 0.05
CA PHE A 141 8.61 -7.26 0.11
C PHE A 141 8.95 -6.75 -1.29
N ILE A 142 8.42 -5.58 -1.61
CA ILE A 142 8.64 -4.96 -2.91
C ILE A 142 9.21 -3.54 -2.73
N GLU A 143 10.22 -3.20 -3.51
CA GLU A 143 10.82 -1.88 -3.42
C GLU A 143 10.08 -0.91 -4.34
N THR A 144 9.90 0.31 -3.89
CA THR A 144 9.20 1.32 -4.67
C THR A 144 9.98 2.64 -4.74
N SER A 145 9.79 3.36 -5.83
CA SER A 145 10.42 4.65 -6.04
C SER A 145 9.41 5.57 -6.71
N ALA A 146 9.28 6.77 -6.16
CA ALA A 146 8.33 7.75 -6.70
C ALA A 146 9.06 8.80 -7.54
N LYS A 147 10.32 9.04 -7.20
CA LYS A 147 11.12 10.04 -7.90
C LYS A 147 11.40 9.61 -9.33
N THR A 148 11.86 8.37 -9.50
CA THR A 148 12.16 7.85 -10.83
C THR A 148 11.08 6.86 -11.29
N ARG A 149 10.06 6.67 -10.46
CA ARG A 149 8.95 5.76 -10.76
C ARG A 149 9.45 4.34 -11.00
N GLN A 150 9.61 3.58 -9.94
CA GLN A 150 10.09 2.21 -10.06
C GLN A 150 9.35 1.31 -9.08
N GLY A 151 8.83 0.19 -9.58
CA GLY A 151 8.14 -0.77 -8.74
C GLY A 151 6.74 -0.33 -8.37
N VAL A 152 6.34 0.85 -8.82
CA VAL A 152 5.01 1.37 -8.50
C VAL A 152 3.94 0.47 -9.10
N ASP A 153 4.06 0.24 -10.40
CA ASP A 153 3.11 -0.63 -11.12
C ASP A 153 3.31 -2.08 -10.73
N ASP A 154 4.58 -2.45 -10.58
CA ASP A 154 4.95 -3.81 -10.23
C ASP A 154 4.32 -4.25 -8.91
N ALA A 155 4.30 -3.36 -7.93
CA ALA A 155 3.71 -3.67 -6.62
C ALA A 155 2.25 -4.09 -6.76
N PHE A 156 1.55 -3.44 -7.68
CA PHE A 156 0.13 -3.74 -7.92
C PHE A 156 -0.02 -5.13 -8.52
N TYR A 157 0.86 -5.46 -9.47
CA TYR A 157 0.83 -6.75 -10.12
C TYR A 157 1.02 -7.87 -9.10
N THR A 158 1.94 -7.65 -8.17
CA THR A 158 2.22 -8.62 -7.13
C THR A 158 1.03 -8.73 -6.16
N LEU A 159 0.51 -7.59 -5.75
CA LEU A 159 -0.62 -7.53 -4.82
C LEU A 159 -1.84 -8.27 -5.36
N VAL A 160 -2.20 -7.97 -6.60
CA VAL A 160 -3.35 -8.59 -7.24
C VAL A 160 -3.16 -10.10 -7.39
N ARG A 161 -1.95 -10.51 -7.73
CA ARG A 161 -1.66 -11.94 -7.90
C ARG A 161 -1.88 -12.69 -6.59
N GLU A 162 -1.46 -12.10 -5.48
CA GLU A 162 -1.64 -12.71 -4.17
C GLU A 162 -3.12 -12.90 -3.88
N ILE A 163 -3.92 -11.91 -4.26
CA ILE A 163 -5.36 -11.97 -4.05
C ILE A 163 -5.98 -13.10 -4.87
N ARG A 164 -5.64 -13.16 -6.14
CA ARG A 164 -6.16 -14.20 -7.04
C ARG A 164 -5.89 -15.59 -6.47
N LYS A 165 -4.66 -15.80 -6.00
CA LYS A 165 -4.24 -17.07 -5.44
C LYS A 165 -4.99 -17.38 -4.14
N HIS A 166 -5.31 -16.33 -3.40
CA HIS A 166 -6.01 -16.48 -2.13
C HIS A 166 -7.49 -16.76 -2.36
N LYS A 167 -8.04 -16.18 -3.42
CA LYS A 167 -9.44 -16.36 -3.75
C LYS A 167 -9.68 -17.78 -4.27
N GLU A 168 -8.88 -18.20 -5.24
CA GLU A 168 -9.03 -19.53 -5.83
C GLU A 168 -7.65 -20.16 -6.06
N1 W1Y B . -15.23 2.87 -1.51
C4 W1Y B . -15.95 1.95 0.23
C5 W1Y B . -13.96 1.17 -0.82
C6 W1Y B . -13.73 0.17 0.13
C7 W1Y B . -12.62 -0.65 0.01
C8 W1Y B . -11.73 -0.48 -1.05
C10 W1Y B . -13.07 1.34 -1.88
C W1Y B . -16.82 3.69 2.77
N W1Y B . -17.70 4.32 1.77
C1 W1Y B . -18.05 3.33 0.73
C2 W1Y B . -16.79 2.94 -0.05
N2 W1Y B . -15.01 1.97 -0.71
C3 W1Y B . -16.34 3.52 -1.16
C9 W1Y B . -11.96 0.52 -2.00
H1 W1Y B . -16.05 1.26 0.99
H2 W1Y B . -14.34 0.11 0.95
H3 W1Y B . -12.50 -1.44 0.66
H4 W1Y B . -10.86 -1.03 -1.09
H5 W1Y B . -13.18 2.13 -2.53
H6 W1Y B . -16.57 4.43 3.53
H7 W1Y B . -17.33 2.85 3.23
H8 W1Y B . -15.91 3.34 2.28
H9 W1Y B . -17.23 5.09 1.35
H11 W1Y B . -18.78 3.77 0.05
H12 W1Y B . -18.48 2.45 1.21
H13 W1Y B . -16.80 4.27 -1.69
H14 W1Y B . -11.26 0.69 -2.73
N MET A 1 -16.04 -8.77 -15.00
CA MET A 1 -14.74 -8.18 -14.72
C MET A 1 -14.44 -8.25 -13.23
N THR A 2 -13.35 -8.92 -12.89
CA THR A 2 -12.93 -9.07 -11.50
C THR A 2 -12.66 -7.71 -10.84
N GLU A 3 -13.16 -7.54 -9.63
CA GLU A 3 -12.98 -6.30 -8.88
C GLU A 3 -12.05 -6.53 -7.70
N TYR A 4 -11.21 -5.55 -7.42
CA TYR A 4 -10.27 -5.66 -6.31
C TYR A 4 -10.32 -4.40 -5.46
N LYS A 5 -10.69 -4.57 -4.20
CA LYS A 5 -10.76 -3.45 -3.26
C LYS A 5 -9.47 -3.33 -2.47
N LEU A 6 -8.62 -2.38 -2.83
CA LEU A 6 -7.35 -2.18 -2.17
C LEU A 6 -7.32 -0.86 -1.40
N VAL A 7 -6.90 -0.91 -0.16
CA VAL A 7 -6.84 0.26 0.68
C VAL A 7 -5.39 0.61 0.99
N VAL A 8 -5.04 1.88 0.81
CA VAL A 8 -3.67 2.33 1.09
C VAL A 8 -3.57 2.87 2.50
N VAL A 9 -2.81 2.18 3.34
CA VAL A 9 -2.63 2.59 4.72
C VAL A 9 -1.21 3.04 4.97
N GLY A 10 -1.05 3.98 5.90
CA GLY A 10 0.25 4.49 6.22
C GLY A 10 0.16 5.77 7.01
N ALA A 11 1.31 6.27 7.46
CA ALA A 11 1.38 7.50 8.24
C ALA A 11 1.44 8.73 7.33
N VAL A 12 1.71 9.88 7.94
CA VAL A 12 1.82 11.13 7.20
C VAL A 12 3.26 11.36 6.73
N GLY A 13 3.41 11.94 5.54
CA GLY A 13 4.74 12.21 5.03
C GLY A 13 5.30 11.05 4.21
N VAL A 14 4.42 10.17 3.77
CA VAL A 14 4.83 9.01 2.99
C VAL A 14 4.51 9.25 1.52
N GLY A 15 3.48 10.06 1.26
CA GLY A 15 3.09 10.37 -0.10
C GLY A 15 2.43 9.19 -0.79
N LYS A 16 1.39 8.65 -0.16
CA LYS A 16 0.69 7.50 -0.72
C LYS A 16 -0.13 7.90 -1.94
N SER A 17 -0.59 9.14 -1.93
CA SER A 17 -1.40 9.66 -3.02
C SER A 17 -0.57 9.74 -4.31
N ALA A 18 0.75 9.89 -4.15
CA ALA A 18 1.65 9.97 -5.29
C ALA A 18 1.64 8.67 -6.07
N LEU A 19 1.49 7.55 -5.36
CA LEU A 19 1.42 6.24 -5.99
C LEU A 19 0.15 6.11 -6.81
N THR A 20 -0.94 6.64 -6.28
CA THR A 20 -2.22 6.59 -6.93
C THR A 20 -2.20 7.39 -8.23
N ILE A 21 -1.65 8.60 -8.16
CA ILE A 21 -1.57 9.47 -9.32
C ILE A 21 -0.67 8.85 -10.40
N GLN A 22 0.32 8.06 -9.96
CA GLN A 22 1.24 7.40 -10.88
C GLN A 22 0.50 6.36 -11.72
N LEU A 23 -0.65 5.93 -11.21
CA LEU A 23 -1.48 4.95 -11.90
C LEU A 23 -2.62 5.65 -12.64
N ILE A 24 -3.17 6.69 -12.02
CA ILE A 24 -4.27 7.44 -12.62
C ILE A 24 -3.86 8.11 -13.92
N GLN A 25 -3.03 9.14 -13.82
CA GLN A 25 -2.58 9.88 -15.01
C GLN A 25 -1.09 9.65 -15.26
N ASN A 26 -0.53 8.69 -14.53
CA ASN A 26 0.89 8.34 -14.65
C ASN A 26 1.76 9.58 -14.46
N HIS A 27 1.64 10.20 -13.30
CA HIS A 27 2.40 11.40 -12.98
C HIS A 27 2.90 11.37 -11.55
N PHE A 28 4.11 11.89 -11.33
CA PHE A 28 4.70 11.95 -10.01
C PHE A 28 4.66 13.39 -9.52
N VAL A 29 3.85 13.64 -8.52
CA VAL A 29 3.71 14.97 -7.97
C VAL A 29 4.46 15.10 -6.64
N ASP A 30 5.34 16.09 -6.56
CA ASP A 30 6.13 16.34 -5.36
C ASP A 30 5.26 16.96 -4.27
N GLU A 31 4.35 17.83 -4.68
CA GLU A 31 3.44 18.50 -3.77
C GLU A 31 2.67 17.51 -2.90
N TYR A 32 2.69 17.73 -1.60
CA TYR A 32 1.99 16.86 -0.66
C TYR A 32 0.66 17.49 -0.27
N ASP A 33 -0.40 16.69 -0.31
CA ASP A 33 -1.72 17.18 0.06
C ASP A 33 -2.50 16.08 0.79
N PRO A 34 -2.95 16.37 2.02
CA PRO A 34 -3.71 15.41 2.83
C PRO A 34 -4.96 14.92 2.11
N THR A 35 -5.16 13.60 2.13
CA THR A 35 -6.31 12.99 1.48
C THR A 35 -7.37 12.60 2.50
N ILE A 36 -8.62 12.97 2.25
CA ILE A 36 -9.69 12.63 3.16
C ILE A 36 -10.57 11.55 2.55
N GLU A 37 -11.46 11.93 1.64
CA GLU A 37 -12.35 10.96 1.02
C GLU A 37 -12.47 11.22 -0.48
N ASP A 38 -12.11 10.22 -1.28
CA ASP A 38 -12.19 10.32 -2.73
C ASP A 38 -12.50 8.95 -3.32
N SER A 39 -12.44 8.83 -4.64
CA SER A 39 -12.69 7.57 -5.31
C SER A 39 -11.83 7.46 -6.56
N TYR A 40 -11.04 6.39 -6.63
CA TYR A 40 -10.16 6.16 -7.76
C TYR A 40 -10.31 4.73 -8.27
N ARG A 41 -10.98 4.57 -9.40
CA ARG A 41 -11.20 3.26 -9.99
C ARG A 41 -10.75 3.25 -11.44
N LYS A 42 -9.73 2.46 -11.74
CA LYS A 42 -9.20 2.37 -13.09
C LYS A 42 -9.01 0.90 -13.50
N GLN A 43 -9.24 0.62 -14.77
CA GLN A 43 -9.07 -0.73 -15.29
C GLN A 43 -7.62 -0.95 -15.69
N VAL A 44 -7.03 -2.03 -15.21
CA VAL A 44 -5.65 -2.35 -15.51
C VAL A 44 -5.53 -3.77 -16.04
N VAL A 45 -4.66 -3.97 -17.01
CA VAL A 45 -4.44 -5.29 -17.59
C VAL A 45 -3.38 -6.03 -16.79
N ILE A 46 -3.83 -6.97 -15.97
CA ILE A 46 -2.93 -7.76 -15.13
C ILE A 46 -2.87 -9.20 -15.62
N ASP A 47 -1.71 -9.58 -16.16
CA ASP A 47 -1.47 -10.92 -16.67
C ASP A 47 -2.39 -11.24 -17.84
N GLY A 48 -2.77 -10.20 -18.57
CA GLY A 48 -3.65 -10.36 -19.72
C GLY A 48 -5.12 -10.30 -19.33
N GLU A 49 -5.38 -9.95 -18.08
CA GLU A 49 -6.75 -9.85 -17.59
C GLU A 49 -7.02 -8.44 -17.08
N THR A 50 -7.95 -7.76 -17.73
CA THR A 50 -8.32 -6.42 -17.33
C THR A 50 -9.29 -6.47 -16.15
N CYS A 51 -8.88 -5.88 -15.04
CA CYS A 51 -9.71 -5.87 -13.84
C CYS A 51 -9.94 -4.45 -13.34
N LEU A 52 -10.94 -4.30 -12.48
CA LEU A 52 -11.26 -3.00 -11.90
C LEU A 52 -10.53 -2.81 -10.59
N LEU A 53 -9.57 -1.90 -10.57
CA LEU A 53 -8.80 -1.64 -9.37
C LEU A 53 -9.38 -0.48 -8.57
N ASP A 54 -9.97 -0.81 -7.44
CA ASP A 54 -10.55 0.19 -6.54
C ASP A 54 -9.50 0.56 -5.50
N ILE A 55 -9.02 1.79 -5.53
CA ILE A 55 -7.99 2.24 -4.59
C ILE A 55 -8.43 3.47 -3.81
N LEU A 56 -8.16 3.47 -2.51
CA LEU A 56 -8.49 4.59 -1.65
C LEU A 56 -7.35 4.88 -0.68
N ASP A 57 -6.92 6.14 -0.63
CA ASP A 57 -5.84 6.54 0.27
C ASP A 57 -6.40 7.01 1.60
N THR A 58 -5.74 6.65 2.70
CA THR A 58 -6.21 7.03 4.02
C THR A 58 -5.26 8.05 4.65
N ALA A 59 -5.82 8.90 5.50
CA ALA A 59 -5.04 9.93 6.17
C ALA A 59 -4.26 9.33 7.33
N GLY A 60 -2.99 9.70 7.43
CA GLY A 60 -2.16 9.20 8.50
C GLY A 60 -2.46 9.86 9.83
N GLN A 61 -3.29 10.90 9.77
CA GLN A 61 -3.70 11.63 10.96
C GLN A 61 -4.68 10.81 11.77
N GLU A 62 -4.37 10.62 13.04
CA GLU A 62 -5.23 9.83 13.92
C GLU A 62 -6.43 10.65 14.41
N GLU A 63 -7.30 11.02 13.47
CA GLU A 63 -8.50 11.79 13.80
C GLU A 63 -9.75 11.11 13.25
N TYR A 64 -9.62 10.49 12.09
CA TYR A 64 -10.75 9.80 11.47
C TYR A 64 -10.64 8.30 11.73
N SER A 65 -10.24 7.97 12.95
CA SER A 65 -10.06 6.60 13.39
C SER A 65 -11.31 5.74 13.16
N ALA A 66 -12.49 6.30 13.47
CA ALA A 66 -13.74 5.58 13.31
C ALA A 66 -14.08 5.34 11.85
N MET A 67 -13.87 6.37 11.02
CA MET A 67 -14.15 6.27 9.59
C MET A 67 -13.18 5.31 8.91
N ARG A 68 -11.92 5.43 9.29
CA ARG A 68 -10.87 4.57 8.73
C ARG A 68 -11.09 3.12 9.12
N ASP A 69 -11.66 2.93 10.31
CA ASP A 69 -11.94 1.61 10.85
C ASP A 69 -12.96 0.87 9.98
N GLN A 70 -13.87 1.63 9.37
CA GLN A 70 -14.90 1.04 8.51
C GLN A 70 -14.28 0.47 7.24
N TYR A 71 -13.36 1.22 6.65
CA TYR A 71 -12.71 0.80 5.41
C TYR A 71 -11.85 -0.45 5.62
N MET A 72 -11.54 -0.77 6.87
CA MET A 72 -10.72 -1.94 7.17
C MET A 72 -11.51 -3.22 7.02
N ARG A 73 -12.84 -3.11 7.01
CA ARG A 73 -13.69 -4.27 6.87
C ARG A 73 -14.13 -4.44 5.42
N THR A 74 -14.28 -3.33 4.71
CA THR A 74 -14.69 -3.36 3.32
C THR A 74 -13.51 -3.60 2.39
N GLY A 75 -12.34 -3.15 2.82
CA GLY A 75 -11.15 -3.33 2.02
C GLY A 75 -10.60 -4.74 2.11
N GLU A 76 -10.27 -5.31 0.96
CA GLU A 76 -9.75 -6.66 0.89
C GLU A 76 -8.23 -6.64 1.04
N GLY A 77 -7.56 -5.98 0.09
CA GLY A 77 -6.12 -5.91 0.13
C GLY A 77 -5.64 -4.62 0.76
N PHE A 78 -4.57 -4.70 1.53
CA PHE A 78 -4.01 -3.54 2.21
C PHE A 78 -2.63 -3.22 1.68
N LEU A 79 -2.45 -1.96 1.30
CA LEU A 79 -1.18 -1.50 0.80
C LEU A 79 -0.44 -0.74 1.90
N CYS A 80 0.41 -1.45 2.63
CA CYS A 80 1.18 -0.84 3.71
C CYS A 80 2.40 -0.15 3.13
N VAL A 81 2.29 1.15 2.95
CA VAL A 81 3.38 1.94 2.40
C VAL A 81 4.05 2.76 3.48
N PHE A 82 5.37 2.73 3.48
CA PHE A 82 6.16 3.49 4.44
C PHE A 82 7.31 4.16 3.71
N ALA A 83 7.94 5.12 4.34
CA ALA A 83 9.06 5.83 3.74
C ALA A 83 10.36 5.37 4.35
N ILE A 84 11.32 4.99 3.50
CA ILE A 84 12.61 4.52 3.99
C ILE A 84 13.42 5.67 4.59
N ASN A 85 12.93 6.89 4.39
CA ASN A 85 13.58 8.08 4.91
C ASN A 85 13.05 8.36 6.32
N ASN A 86 12.05 7.58 6.73
CA ASN A 86 11.43 7.73 8.03
C ASN A 86 11.32 6.36 8.71
N THR A 87 12.25 6.06 9.61
CA THR A 87 12.26 4.77 10.30
C THR A 87 11.03 4.61 11.18
N LYS A 88 10.44 5.73 11.60
CA LYS A 88 9.26 5.69 12.45
C LYS A 88 8.07 5.12 11.68
N SER A 89 7.96 5.44 10.39
CA SER A 89 6.87 4.94 9.57
C SER A 89 6.96 3.42 9.44
N PHE A 90 8.17 2.88 9.57
CA PHE A 90 8.39 1.45 9.48
C PHE A 90 7.95 0.80 10.78
N GLU A 91 8.25 1.47 11.89
CA GLU A 91 7.89 0.98 13.21
C GLU A 91 6.37 1.02 13.39
N ASP A 92 5.75 1.98 12.71
CA ASP A 92 4.30 2.16 12.78
C ASP A 92 3.57 1.05 12.05
N ILE A 93 4.27 0.36 11.16
CA ILE A 93 3.70 -0.75 10.40
C ILE A 93 3.22 -1.84 11.35
N HIS A 94 3.94 -2.03 12.45
CA HIS A 94 3.57 -3.04 13.43
C HIS A 94 2.28 -2.64 14.14
N HIS A 95 2.09 -1.34 14.32
CA HIS A 95 0.89 -0.82 14.97
C HIS A 95 -0.30 -0.99 14.04
N TYR A 96 -0.07 -0.74 12.76
CA TYR A 96 -1.11 -0.86 11.75
C TYR A 96 -1.54 -2.31 11.57
N ARG A 97 -0.55 -3.21 11.52
CA ARG A 97 -0.79 -4.64 11.35
C ARG A 97 -1.74 -5.18 12.42
N GLU A 98 -1.49 -4.79 13.67
CA GLU A 98 -2.32 -5.23 14.77
C GLU A 98 -3.77 -4.78 14.59
N GLN A 99 -3.93 -3.52 14.19
CA GLN A 99 -5.26 -2.95 13.96
C GLN A 99 -5.96 -3.65 12.79
N ILE A 100 -5.21 -3.93 11.73
CA ILE A 100 -5.75 -4.58 10.55
C ILE A 100 -6.23 -5.99 10.89
N LYS A 101 -5.38 -6.76 11.56
CA LYS A 101 -5.70 -8.12 11.96
C LYS A 101 -6.88 -8.12 12.92
N ARG A 102 -6.97 -7.07 13.72
CA ARG A 102 -8.06 -6.92 14.69
C ARG A 102 -9.42 -6.90 13.99
N VAL A 103 -9.47 -6.22 12.85
CA VAL A 103 -10.71 -6.12 12.07
C VAL A 103 -10.91 -7.35 11.19
N LYS A 104 -9.82 -7.81 10.58
CA LYS A 104 -9.88 -8.98 9.71
C LYS A 104 -10.26 -10.25 10.46
N ASP A 105 -9.76 -10.38 11.69
CA ASP A 105 -10.04 -11.55 12.54
C ASP A 105 -9.65 -12.84 11.81
N SER A 106 -8.60 -12.76 11.03
CA SER A 106 -8.12 -13.89 10.27
C SER A 106 -6.59 -13.97 10.36
N GLU A 107 -6.07 -15.18 10.43
CA GLU A 107 -4.63 -15.38 10.52
C GLU A 107 -3.99 -15.19 9.15
N ASP A 108 -4.81 -15.23 8.12
CA ASP A 108 -4.34 -15.07 6.75
C ASP A 108 -5.18 -14.04 6.00
N VAL A 109 -4.51 -13.11 5.34
CA VAL A 109 -5.17 -12.05 4.58
C VAL A 109 -4.19 -11.50 3.53
N PRO A 110 -4.66 -11.27 2.29
CA PRO A 110 -3.81 -10.75 1.21
C PRO A 110 -3.27 -9.35 1.50
N MET A 111 -2.04 -9.29 2.00
CA MET A 111 -1.38 -8.03 2.31
C MET A 111 0.02 -8.00 1.72
N VAL A 112 0.56 -6.81 1.53
CA VAL A 112 1.89 -6.64 0.97
C VAL A 112 2.66 -5.56 1.71
N LEU A 113 3.96 -5.51 1.49
CA LEU A 113 4.80 -4.51 2.11
C LEU A 113 5.55 -3.74 1.04
N VAL A 114 5.24 -2.45 0.92
CA VAL A 114 5.88 -1.63 -0.10
C VAL A 114 6.54 -0.41 0.52
N GLY A 115 7.74 -0.09 0.06
CA GLY A 115 8.45 1.06 0.58
C GLY A 115 8.57 2.16 -0.46
N ASN A 116 8.47 3.40 -0.02
CA ASN A 116 8.59 4.54 -0.92
C ASN A 116 9.70 5.45 -0.44
N LYS A 117 10.07 6.41 -1.28
CA LYS A 117 11.15 7.36 -0.99
C LYS A 117 12.49 6.65 -0.96
N SER A 118 12.52 5.47 -1.56
CA SER A 118 13.73 4.66 -1.64
C SER A 118 14.71 5.27 -2.65
N ASP A 119 14.25 6.31 -3.30
CA ASP A 119 15.05 7.01 -4.29
C ASP A 119 15.90 8.08 -3.62
N LEU A 120 15.54 8.42 -2.38
CA LEU A 120 16.28 9.42 -1.62
C LEU A 120 17.60 8.85 -1.10
N PRO A 121 18.67 9.68 -1.12
CA PRO A 121 20.00 9.27 -0.66
C PRO A 121 20.06 9.02 0.85
N SER A 122 19.11 9.61 1.57
CA SER A 122 19.04 9.47 3.01
C SER A 122 18.28 8.20 3.40
N ARG A 123 18.88 7.06 3.10
CA ARG A 123 18.29 5.75 3.40
C ARG A 123 18.39 5.43 4.88
N THR A 124 17.27 5.52 5.57
CA THR A 124 17.22 5.23 6.99
C THR A 124 16.78 3.78 7.24
N VAL A 125 15.73 3.37 6.54
CA VAL A 125 15.21 2.01 6.67
C VAL A 125 16.02 1.06 5.81
N ASP A 126 16.38 -0.08 6.39
CA ASP A 126 17.15 -1.09 5.69
C ASP A 126 16.23 -2.13 5.04
N THR A 127 16.52 -2.47 3.79
CA THR A 127 15.73 -3.43 3.04
C THR A 127 15.83 -4.83 3.63
N LYS A 128 17.00 -5.18 4.15
CA LYS A 128 17.21 -6.50 4.73
C LYS A 128 16.25 -6.71 5.90
N GLN A 129 16.20 -5.73 6.79
CA GLN A 129 15.32 -5.78 7.95
C GLN A 129 13.86 -5.73 7.52
N ALA A 130 13.56 -4.91 6.51
CA ALA A 130 12.20 -4.79 6.00
C ALA A 130 11.74 -6.13 5.45
N GLN A 131 12.64 -6.81 4.73
CA GLN A 131 12.35 -8.12 4.17
C GLN A 131 12.19 -9.15 5.28
N ASP A 132 13.05 -9.05 6.29
CA ASP A 132 12.99 -9.97 7.42
C ASP A 132 11.66 -9.87 8.13
N LEU A 133 11.15 -8.65 8.26
CA LEU A 133 9.87 -8.41 8.90
C LEU A 133 8.75 -9.00 8.05
N ALA A 134 8.86 -8.82 6.75
CA ALA A 134 7.88 -9.34 5.81
C ALA A 134 7.84 -10.86 5.85
N ARG A 135 9.02 -11.47 5.97
CA ARG A 135 9.15 -12.94 6.01
C ARG A 135 8.37 -13.51 7.19
N SER A 136 8.32 -12.77 8.28
CA SER A 136 7.60 -13.21 9.47
C SER A 136 6.11 -13.38 9.19
N TYR A 137 5.57 -12.54 8.29
CA TYR A 137 4.16 -12.62 7.95
C TYR A 137 3.96 -13.48 6.70
N GLY A 138 5.06 -13.77 6.02
CA GLY A 138 4.99 -14.57 4.81
C GLY A 138 4.56 -13.76 3.61
N ILE A 139 4.73 -12.44 3.73
CA ILE A 139 4.35 -11.53 2.66
C ILE A 139 5.59 -11.02 1.92
N PRO A 140 5.47 -10.68 0.64
CA PRO A 140 6.59 -10.18 -0.15
C PRO A 140 6.79 -8.67 0.03
N PHE A 141 8.05 -8.25 -0.04
CA PHE A 141 8.39 -6.85 0.09
C PHE A 141 8.83 -6.29 -1.26
N ILE A 142 8.16 -5.24 -1.69
CA ILE A 142 8.48 -4.61 -2.97
C ILE A 142 9.20 -3.29 -2.73
N GLU A 143 10.47 -3.26 -3.13
CA GLU A 143 11.27 -2.05 -2.98
C GLU A 143 10.96 -1.10 -4.14
N THR A 144 9.91 -0.32 -3.98
CA THR A 144 9.47 0.60 -5.02
C THR A 144 10.19 1.94 -4.93
N SER A 145 9.98 2.76 -5.94
CA SER A 145 10.54 4.09 -6.03
C SER A 145 9.59 4.97 -6.82
N ALA A 146 9.46 6.22 -6.40
CA ALA A 146 8.55 7.15 -7.06
C ALA A 146 9.29 8.14 -7.95
N LYS A 147 10.48 8.54 -7.51
CA LYS A 147 11.29 9.50 -8.26
C LYS A 147 11.72 8.91 -9.60
N THR A 148 12.12 7.65 -9.59
CA THR A 148 12.54 6.99 -10.81
C THR A 148 11.46 6.04 -11.31
N ARG A 149 10.41 5.87 -10.50
CA ARG A 149 9.30 4.98 -10.84
C ARG A 149 9.80 3.56 -11.08
N GLN A 150 10.08 2.85 -10.00
CA GLN A 150 10.59 1.48 -10.13
C GLN A 150 9.65 0.47 -9.47
N GLY A 151 9.12 -0.43 -10.28
CA GLY A 151 8.25 -1.47 -9.78
C GLY A 151 6.87 -1.00 -9.41
N VAL A 152 6.51 0.21 -9.80
CA VAL A 152 5.20 0.76 -9.49
C VAL A 152 4.10 -0.05 -10.15
N ASP A 153 4.21 -0.18 -11.47
CA ASP A 153 3.22 -0.93 -12.24
C ASP A 153 3.33 -2.42 -11.97
N ASP A 154 4.56 -2.91 -11.91
CA ASP A 154 4.84 -4.32 -11.67
C ASP A 154 4.24 -4.80 -10.35
N ALA A 155 4.24 -3.92 -9.35
CA ALA A 155 3.70 -4.26 -8.03
C ALA A 155 2.23 -4.66 -8.12
N PHE A 156 1.49 -4.01 -9.00
CA PHE A 156 0.06 -4.28 -9.17
C PHE A 156 -0.15 -5.72 -9.64
N TYR A 157 0.77 -6.20 -10.47
CA TYR A 157 0.68 -7.57 -11.00
C TYR A 157 0.85 -8.58 -9.88
N THR A 158 1.89 -8.38 -9.07
CA THR A 158 2.18 -9.27 -7.95
C THR A 158 1.03 -9.26 -6.93
N LEU A 159 0.46 -8.07 -6.73
CA LEU A 159 -0.65 -7.90 -5.79
C LEU A 159 -1.81 -8.83 -6.15
N VAL A 160 -2.25 -8.74 -7.39
CA VAL A 160 -3.36 -9.56 -7.87
C VAL A 160 -3.03 -11.05 -7.81
N ARG A 161 -1.79 -11.39 -8.17
CA ARG A 161 -1.35 -12.78 -8.16
C ARG A 161 -1.48 -13.39 -6.77
N GLU A 162 -1.20 -12.61 -5.74
CA GLU A 162 -1.30 -13.09 -4.36
C GLU A 162 -2.77 -13.21 -3.95
N ILE A 163 -3.58 -12.28 -4.44
CA ILE A 163 -5.01 -12.29 -4.13
C ILE A 163 -5.66 -13.54 -4.73
N ARG A 164 -5.16 -13.95 -5.90
CA ARG A 164 -5.67 -15.13 -6.58
C ARG A 164 -5.39 -16.38 -5.75
N LYS A 165 -4.31 -16.36 -4.99
CA LYS A 165 -3.95 -17.48 -4.12
C LYS A 165 -4.97 -17.61 -2.99
N HIS A 166 -5.40 -16.46 -2.48
CA HIS A 166 -6.37 -16.41 -1.40
C HIS A 166 -7.76 -16.80 -1.92
N LYS A 167 -8.11 -16.27 -3.08
CA LYS A 167 -9.40 -16.56 -3.70
C LYS A 167 -9.50 -18.02 -4.08
N GLU A 168 -8.59 -18.44 -4.96
CA GLU A 168 -8.56 -19.82 -5.42
C GLU A 168 -7.30 -20.53 -4.92
N1 W1Y B . -15.74 3.01 -0.37
C4 W1Y B . -16.38 1.48 0.92
C5 W1Y B . -14.43 1.19 -0.43
C6 W1Y B . -14.17 -0.08 0.08
C7 W1Y B . -13.06 -0.80 -0.37
C8 W1Y B . -12.22 -0.23 -1.32
C10 W1Y B . -13.59 1.75 -1.38
C W1Y B . -17.39 4.12 3.42
N W1Y B . -18.58 3.87 2.59
C1 W1Y B . -18.47 2.54 1.97
C2 W1Y B . -17.24 2.50 1.05
N2 W1Y B . -15.49 1.87 0.02
C3 W1Y B . -16.83 3.46 0.23
C9 W1Y B . -12.48 1.04 -1.83
H1 W1Y B . -16.45 0.56 1.37
H2 W1Y B . -14.75 -0.46 0.85
H3 W1Y B . -12.92 -1.77 -0.07
H4 W1Y B . -11.36 -0.73 -1.59
H5 W1Y B . -13.73 2.72 -1.68
H6 W1Y B . -17.47 5.11 3.87
H7 W1Y B . -16.50 4.08 2.80
H8 W1Y B . -17.32 3.37 4.20
H9 W1Y B . -18.65 4.57 1.88
H11 W1Y B . -18.37 1.78 2.75
H12 W1Y B . -19.36 2.33 1.38
H13 W1Y B . -17.31 4.34 0.04
H14 W1Y B . -11.81 1.48 -2.46
N MET A 1 -16.73 -8.55 -15.15
CA MET A 1 -15.45 -7.96 -14.78
C MET A 1 -15.31 -7.94 -13.26
N THR A 2 -14.22 -8.49 -12.76
CA THR A 2 -13.95 -8.54 -11.33
C THR A 2 -13.45 -7.19 -10.81
N GLU A 3 -14.06 -6.71 -9.75
CA GLU A 3 -13.67 -5.45 -9.13
C GLU A 3 -12.72 -5.72 -7.97
N TYR A 4 -11.55 -5.10 -8.01
CA TYR A 4 -10.56 -5.31 -6.96
C TYR A 4 -10.57 -4.17 -5.96
N LYS A 5 -10.95 -4.48 -4.73
CA LYS A 5 -11.04 -3.47 -3.67
C LYS A 5 -9.74 -3.42 -2.88
N LEU A 6 -8.93 -2.41 -3.13
CA LEU A 6 -7.65 -2.25 -2.43
C LEU A 6 -7.57 -0.88 -1.76
N VAL A 7 -6.77 -0.80 -0.71
CA VAL A 7 -6.61 0.45 0.04
C VAL A 7 -5.15 0.73 0.32
N VAL A 8 -4.75 1.98 0.12
CA VAL A 8 -3.38 2.40 0.36
C VAL A 8 -3.27 3.04 1.74
N VAL A 9 -2.49 2.41 2.61
CA VAL A 9 -2.31 2.92 3.96
C VAL A 9 -0.90 3.47 4.14
N GLY A 10 -0.80 4.78 4.26
CA GLY A 10 0.48 5.42 4.44
C GLY A 10 0.43 6.61 5.36
N ALA A 11 1.54 6.90 6.02
CA ALA A 11 1.62 8.02 6.94
C ALA A 11 2.00 9.29 6.19
N VAL A 12 2.18 10.38 6.93
CA VAL A 12 2.56 11.65 6.31
C VAL A 12 4.05 11.65 6.00
N GLY A 13 4.38 11.87 4.74
CA GLY A 13 5.76 11.89 4.32
C GLY A 13 6.08 10.78 3.34
N VAL A 14 5.16 9.82 3.24
CA VAL A 14 5.34 8.69 2.34
C VAL A 14 4.83 9.03 0.94
N GLY A 15 3.77 9.82 0.87
CA GLY A 15 3.22 10.22 -0.41
C GLY A 15 2.26 9.20 -0.98
N LYS A 16 1.08 9.10 -0.38
CA LYS A 16 0.05 8.16 -0.84
C LYS A 16 -0.50 8.61 -2.18
N SER A 17 -1.04 9.82 -2.18
CA SER A 17 -1.64 10.42 -3.36
C SER A 17 -0.66 10.47 -4.53
N ALA A 18 0.62 10.62 -4.20
CA ALA A 18 1.67 10.68 -5.22
C ALA A 18 1.74 9.38 -6.00
N LEU A 19 1.53 8.27 -5.30
CA LEU A 19 1.56 6.95 -5.93
C LEU A 19 0.24 6.66 -6.62
N THR A 20 -0.84 7.24 -6.10
CA THR A 20 -2.16 7.04 -6.68
C THR A 20 -2.24 7.67 -8.06
N ILE A 21 -1.89 8.96 -8.16
CA ILE A 21 -1.92 9.67 -9.43
C ILE A 21 -0.92 9.06 -10.41
N GLN A 22 0.11 8.42 -9.85
CA GLN A 22 1.14 7.76 -10.63
C GLN A 22 0.54 6.60 -11.43
N LEU A 23 -0.58 6.08 -10.96
CA LEU A 23 -1.26 4.97 -11.63
C LEU A 23 -2.47 5.47 -12.41
N ILE A 24 -3.16 6.48 -11.86
CA ILE A 24 -4.35 7.04 -12.50
C ILE A 24 -4.03 7.61 -13.87
N GLN A 25 -3.09 8.56 -13.92
CA GLN A 25 -2.73 9.19 -15.17
C GLN A 25 -1.22 9.18 -15.37
N ASN A 26 -0.53 8.39 -14.55
CA ASN A 26 0.92 8.26 -14.60
C ASN A 26 1.60 9.62 -14.46
N HIS A 27 1.34 10.27 -13.34
CA HIS A 27 1.92 11.58 -13.07
C HIS A 27 2.54 11.61 -11.68
N PHE A 28 3.80 12.03 -11.62
CA PHE A 28 4.51 12.12 -10.35
C PHE A 28 4.29 13.50 -9.73
N VAL A 29 3.46 13.56 -8.71
CA VAL A 29 3.16 14.82 -8.05
C VAL A 29 4.01 14.99 -6.79
N ASP A 30 4.80 16.06 -6.77
CA ASP A 30 5.67 16.35 -5.64
C ASP A 30 4.89 17.10 -4.56
N GLU A 31 3.81 17.74 -4.99
CA GLU A 31 2.94 18.52 -4.10
C GLU A 31 2.11 17.59 -3.22
N TYR A 32 1.99 17.92 -1.95
CA TYR A 32 1.23 17.12 -1.01
C TYR A 32 -0.07 17.83 -0.64
N ASP A 33 -1.19 17.27 -1.05
CA ASP A 33 -2.49 17.84 -0.74
C ASP A 33 -3.26 16.91 0.19
N PRO A 34 -3.51 17.33 1.43
CA PRO A 34 -4.23 16.53 2.44
C PRO A 34 -5.64 16.15 2.00
N THR A 35 -5.79 14.92 1.56
CA THR A 35 -7.09 14.41 1.11
C THR A 35 -7.90 13.89 2.29
N ILE A 36 -9.20 14.18 2.28
CA ILE A 36 -10.09 13.74 3.34
C ILE A 36 -10.70 12.39 2.98
N GLU A 37 -11.33 12.32 1.82
CA GLU A 37 -11.95 11.09 1.35
C GLU A 37 -12.07 11.10 -0.17
N ASP A 38 -11.02 10.66 -0.85
CA ASP A 38 -11.02 10.63 -2.30
C ASP A 38 -10.86 9.20 -2.81
N SER A 39 -11.73 8.80 -3.73
CA SER A 39 -11.70 7.46 -4.29
C SER A 39 -11.43 7.52 -5.80
N TYR A 40 -10.71 6.53 -6.32
CA TYR A 40 -10.40 6.49 -7.74
C TYR A 40 -10.55 5.06 -8.27
N ARG A 41 -11.19 4.93 -9.42
CA ARG A 41 -11.41 3.62 -10.04
C ARG A 41 -10.94 3.62 -11.49
N LYS A 42 -9.97 2.76 -11.79
CA LYS A 42 -9.42 2.67 -13.13
C LYS A 42 -9.32 1.21 -13.55
N GLN A 43 -9.56 0.96 -14.84
CA GLN A 43 -9.48 -0.38 -15.38
C GLN A 43 -8.08 -0.65 -15.91
N VAL A 44 -7.34 -1.48 -15.18
CA VAL A 44 -5.97 -1.82 -15.57
C VAL A 44 -5.92 -3.26 -16.07
N VAL A 45 -5.00 -3.53 -16.99
CA VAL A 45 -4.85 -4.86 -17.55
C VAL A 45 -3.73 -5.60 -16.84
N ILE A 46 -4.11 -6.54 -15.99
CA ILE A 46 -3.15 -7.33 -15.24
C ILE A 46 -3.22 -8.79 -15.68
N ASP A 47 -2.09 -9.32 -16.13
CA ASP A 47 -1.99 -10.71 -16.57
C ASP A 47 -2.83 -10.94 -17.82
N GLY A 48 -3.00 -9.89 -18.61
CA GLY A 48 -3.78 -9.98 -19.82
C GLY A 48 -5.26 -9.98 -19.55
N GLU A 49 -5.64 -9.48 -18.37
CA GLU A 49 -7.04 -9.43 -17.98
C GLU A 49 -7.39 -8.04 -17.46
N THR A 50 -8.39 -7.43 -18.08
CA THR A 50 -8.84 -6.10 -17.68
C THR A 50 -9.66 -6.20 -16.40
N CYS A 51 -9.19 -5.54 -15.35
CA CYS A 51 -9.89 -5.56 -14.08
C CYS A 51 -10.14 -4.15 -13.58
N LEU A 52 -11.22 -3.98 -12.83
CA LEU A 52 -11.57 -2.67 -12.29
C LEU A 52 -10.91 -2.48 -10.94
N LEU A 53 -9.91 -1.61 -10.89
CA LEU A 53 -9.18 -1.36 -9.66
C LEU A 53 -9.84 -0.28 -8.82
N ASP A 54 -10.23 -0.64 -7.61
CA ASP A 54 -10.85 0.28 -6.67
C ASP A 54 -9.81 0.72 -5.65
N ILE A 55 -9.38 1.97 -5.73
CA ILE A 55 -8.37 2.47 -4.81
C ILE A 55 -8.88 3.68 -4.04
N LEU A 56 -8.68 3.65 -2.73
CA LEU A 56 -9.10 4.74 -1.87
C LEU A 56 -7.92 5.25 -1.05
N ASP A 57 -7.77 6.57 -1.00
CA ASP A 57 -6.68 7.18 -0.24
C ASP A 57 -7.11 7.32 1.22
N THR A 58 -6.15 7.21 2.13
CA THR A 58 -6.45 7.32 3.55
C THR A 58 -5.84 8.58 4.14
N ALA A 59 -6.07 8.79 5.44
CA ALA A 59 -5.52 9.95 6.11
C ALA A 59 -4.28 9.58 6.91
N GLY A 60 -3.21 10.33 6.74
CA GLY A 60 -1.98 10.06 7.47
C GLY A 60 -2.13 10.39 8.94
N GLN A 61 -2.91 11.42 9.22
CA GLN A 61 -3.17 11.83 10.59
C GLN A 61 -4.18 10.88 11.23
N GLU A 62 -4.12 10.76 12.55
CA GLU A 62 -5.02 9.87 13.26
C GLU A 62 -6.12 10.65 13.98
N GLU A 63 -6.74 11.57 13.25
CA GLU A 63 -7.82 12.39 13.81
C GLU A 63 -9.09 11.57 13.91
N TYR A 64 -9.39 10.84 12.85
CA TYR A 64 -10.57 9.99 12.80
C TYR A 64 -10.21 8.58 13.25
N SER A 65 -11.13 7.93 13.95
CA SER A 65 -10.89 6.58 14.43
C SER A 65 -12.17 5.74 14.35
N ALA A 66 -13.08 6.15 13.48
CA ALA A 66 -14.33 5.44 13.31
C ALA A 66 -14.44 4.83 11.91
N MET A 67 -14.38 5.68 10.90
CA MET A 67 -14.48 5.23 9.50
C MET A 67 -13.10 4.89 8.95
N ARG A 68 -12.07 5.47 9.56
CA ARG A 68 -10.68 5.27 9.12
C ARG A 68 -10.27 3.80 9.14
N ASP A 69 -10.67 3.08 10.18
CA ASP A 69 -10.31 1.67 10.30
C ASP A 69 -11.43 0.77 9.78
N GLN A 70 -12.37 1.34 9.05
CA GLN A 70 -13.47 0.56 8.49
C GLN A 70 -13.10 0.01 7.12
N TYR A 71 -12.13 0.66 6.47
CA TYR A 71 -11.68 0.25 5.14
C TYR A 71 -10.91 -1.06 5.22
N MET A 72 -10.52 -1.41 6.44
CA MET A 72 -9.77 -2.63 6.70
C MET A 72 -10.67 -3.86 6.59
N ARG A 73 -11.97 -3.64 6.50
CA ARG A 73 -12.91 -4.73 6.39
C ARG A 73 -13.09 -5.18 4.94
N THR A 74 -13.48 -4.24 4.09
CA THR A 74 -13.71 -4.52 2.67
C THR A 74 -12.41 -4.59 1.87
N GLY A 75 -11.34 -4.05 2.44
CA GLY A 75 -10.06 -4.05 1.75
C GLY A 75 -9.53 -5.45 1.51
N GLU A 76 -9.38 -5.82 0.24
CA GLU A 76 -8.87 -7.13 -0.13
C GLU A 76 -7.34 -7.12 -0.07
N GLY A 77 -6.75 -6.09 -0.67
CA GLY A 77 -5.31 -5.96 -0.68
C GLY A 77 -4.86 -4.74 0.11
N PHE A 78 -3.97 -4.96 1.06
CA PHE A 78 -3.47 -3.89 1.89
C PHE A 78 -2.10 -3.44 1.43
N LEU A 79 -2.01 -2.19 0.99
CA LEU A 79 -0.74 -1.65 0.55
C LEU A 79 -0.05 -0.92 1.68
N CYS A 80 0.77 -1.66 2.43
CA CYS A 80 1.50 -1.08 3.55
C CYS A 80 2.70 -0.29 3.03
N VAL A 81 2.43 0.89 2.51
CA VAL A 81 3.46 1.74 1.97
C VAL A 81 4.17 2.52 3.07
N PHE A 82 5.37 2.10 3.41
CA PHE A 82 6.14 2.78 4.42
C PHE A 82 7.30 3.50 3.75
N ALA A 83 7.88 4.48 4.44
CA ALA A 83 8.98 5.24 3.87
C ALA A 83 10.30 4.78 4.47
N ILE A 84 11.25 4.41 3.61
CA ILE A 84 12.56 3.96 4.08
C ILE A 84 13.36 5.13 4.67
N ASN A 85 12.82 6.32 4.52
CA ASN A 85 13.45 7.53 5.03
C ASN A 85 13.00 7.81 6.46
N ASN A 86 11.90 7.21 6.86
CA ASN A 86 11.35 7.41 8.20
C ASN A 86 11.29 6.08 8.96
N THR A 87 12.18 5.92 9.92
CA THR A 87 12.23 4.68 10.70
C THR A 87 10.99 4.51 11.59
N LYS A 88 10.33 5.62 11.93
CA LYS A 88 9.12 5.57 12.76
C LYS A 88 8.00 4.87 12.01
N SER A 89 7.84 5.20 10.73
CA SER A 89 6.79 4.59 9.91
C SER A 89 6.97 3.07 9.83
N PHE A 90 8.22 2.64 9.84
CA PHE A 90 8.56 1.21 9.78
C PHE A 90 7.97 0.48 10.98
N GLU A 91 7.99 1.14 12.13
CA GLU A 91 7.47 0.56 13.35
C GLU A 91 5.96 0.76 13.44
N ASP A 92 5.49 1.92 12.98
CA ASP A 92 4.06 2.25 13.01
C ASP A 92 3.26 1.23 12.19
N ILE A 93 3.86 0.73 11.11
CA ILE A 93 3.22 -0.26 10.25
C ILE A 93 2.79 -1.49 11.05
N HIS A 94 3.63 -1.90 11.99
CA HIS A 94 3.33 -3.06 12.83
C HIS A 94 2.13 -2.77 13.72
N HIS A 95 2.01 -1.54 14.18
CA HIS A 95 0.89 -1.15 15.04
C HIS A 95 -0.41 -1.25 14.25
N TYR A 96 -0.35 -0.84 12.98
CA TYR A 96 -1.52 -0.89 12.10
C TYR A 96 -1.92 -2.35 11.86
N ARG A 97 -0.93 -3.23 11.79
CA ARG A 97 -1.15 -4.66 11.57
C ARG A 97 -2.04 -5.24 12.66
N GLU A 98 -1.81 -4.82 13.90
CA GLU A 98 -2.58 -5.31 15.03
C GLU A 98 -4.03 -4.85 14.95
N GLN A 99 -4.22 -3.63 14.45
CA GLN A 99 -5.55 -3.08 14.31
C GLN A 99 -6.30 -3.80 13.18
N ILE A 100 -5.60 -4.05 12.09
CA ILE A 100 -6.18 -4.74 10.94
C ILE A 100 -6.69 -6.12 11.34
N LYS A 101 -5.96 -6.80 12.23
CA LYS A 101 -6.35 -8.12 12.68
C LYS A 101 -7.68 -8.08 13.43
N ARG A 102 -8.00 -6.93 14.00
CA ARG A 102 -9.25 -6.77 14.73
C ARG A 102 -10.42 -6.58 13.77
N VAL A 103 -10.14 -5.98 12.62
CA VAL A 103 -11.17 -5.73 11.62
C VAL A 103 -11.32 -6.92 10.67
N LYS A 104 -10.21 -7.60 10.40
CA LYS A 104 -10.23 -8.74 9.50
C LYS A 104 -10.55 -10.03 10.25
N ASP A 105 -10.10 -10.12 11.50
CA ASP A 105 -10.32 -11.31 12.34
C ASP A 105 -9.68 -12.54 11.69
N SER A 106 -8.54 -12.33 11.05
CA SER A 106 -7.81 -13.39 10.39
C SER A 106 -6.37 -12.93 10.13
N GLU A 107 -5.43 -13.86 10.17
CA GLU A 107 -4.03 -13.54 9.95
C GLU A 107 -3.65 -13.79 8.50
N ASP A 108 -4.40 -14.66 7.84
CA ASP A 108 -4.12 -14.99 6.45
C ASP A 108 -4.77 -13.98 5.52
N VAL A 109 -3.99 -12.99 5.10
CA VAL A 109 -4.47 -11.94 4.21
C VAL A 109 -3.35 -11.46 3.30
N PRO A 110 -3.57 -11.42 1.97
CA PRO A 110 -2.57 -10.98 1.00
C PRO A 110 -2.22 -9.49 1.16
N MET A 111 -1.10 -9.24 1.82
CA MET A 111 -0.63 -7.88 2.03
C MET A 111 0.69 -7.69 1.30
N VAL A 112 1.10 -6.44 1.10
CA VAL A 112 2.37 -6.17 0.42
C VAL A 112 3.16 -5.11 1.18
N LEU A 113 4.42 -5.43 1.46
CA LEU A 113 5.30 -4.52 2.16
C LEU A 113 6.09 -3.71 1.14
N VAL A 114 5.50 -2.60 0.71
CA VAL A 114 6.14 -1.74 -0.27
C VAL A 114 6.85 -0.57 0.40
N GLY A 115 8.17 -0.56 0.26
CA GLY A 115 8.97 0.50 0.83
C GLY A 115 9.17 1.62 -0.16
N ASN A 116 8.66 2.80 0.16
CA ASN A 116 8.77 3.94 -0.72
C ASN A 116 9.89 4.87 -0.25
N LYS A 117 10.22 5.85 -1.09
CA LYS A 117 11.27 6.83 -0.81
C LYS A 117 12.64 6.19 -0.92
N SER A 118 12.71 5.08 -1.64
CA SER A 118 13.95 4.36 -1.85
C SER A 118 14.86 5.10 -2.83
N ASP A 119 14.33 6.19 -3.36
CA ASP A 119 15.05 7.02 -4.32
C ASP A 119 15.88 8.09 -3.61
N LEU A 120 15.75 8.14 -2.29
CA LEU A 120 16.50 9.10 -1.49
C LEU A 120 17.87 8.54 -1.12
N PRO A 121 18.90 9.41 -1.06
CA PRO A 121 20.27 9.00 -0.72
C PRO A 121 20.46 8.70 0.77
N SER A 122 19.36 8.68 1.51
CA SER A 122 19.41 8.40 2.93
C SER A 122 18.52 7.21 3.28
N ARG A 123 19.13 6.02 3.31
CA ARG A 123 18.41 4.80 3.64
C ARG A 123 18.34 4.64 5.16
N THR A 124 17.32 5.23 5.77
CA THR A 124 17.14 5.16 7.20
C THR A 124 16.74 3.75 7.64
N VAL A 125 15.93 3.09 6.82
CA VAL A 125 15.49 1.73 7.13
C VAL A 125 16.35 0.72 6.40
N ASP A 126 16.92 -0.21 7.15
CA ASP A 126 17.79 -1.24 6.58
C ASP A 126 16.96 -2.26 5.79
N THR A 127 17.50 -2.67 4.65
CA THR A 127 16.82 -3.62 3.77
C THR A 127 16.65 -4.98 4.43
N LYS A 128 17.64 -5.43 5.19
CA LYS A 128 17.55 -6.73 5.85
C LYS A 128 16.41 -6.72 6.84
N GLN A 129 16.29 -5.64 7.61
CA GLN A 129 15.22 -5.49 8.59
C GLN A 129 13.86 -5.61 7.91
N ALA A 130 13.74 -4.99 6.75
CA ALA A 130 12.50 -5.04 5.99
C ALA A 130 12.21 -6.46 5.53
N GLN A 131 13.26 -7.15 5.09
CA GLN A 131 13.13 -8.53 4.63
C GLN A 131 12.78 -9.45 5.79
N ASP A 132 13.40 -9.21 6.94
CA ASP A 132 13.15 -10.00 8.14
C ASP A 132 11.71 -9.86 8.58
N LEU A 133 11.23 -8.62 8.62
CA LEU A 133 9.85 -8.34 9.00
C LEU A 133 8.88 -8.95 8.00
N ALA A 134 9.25 -8.89 6.73
CA ALA A 134 8.42 -9.46 5.66
C ALA A 134 8.23 -10.96 5.87
N ARG A 135 9.33 -11.64 6.20
CA ARG A 135 9.29 -13.08 6.43
C ARG A 135 8.42 -13.41 7.65
N SER A 136 8.40 -12.50 8.62
CA SER A 136 7.60 -12.67 9.82
C SER A 136 6.11 -12.59 9.47
N TYR A 137 5.78 -11.75 8.50
CA TYR A 137 4.41 -11.58 8.07
C TYR A 137 4.01 -12.72 7.13
N GLY A 138 4.96 -13.14 6.30
CA GLY A 138 4.70 -14.21 5.36
C GLY A 138 4.42 -13.67 3.97
N ILE A 139 4.66 -12.37 3.78
CA ILE A 139 4.43 -11.73 2.50
C ILE A 139 5.74 -11.15 1.95
N PRO A 140 5.87 -11.04 0.61
CA PRO A 140 7.09 -10.52 -0.03
C PRO A 140 7.27 -9.01 0.16
N PHE A 141 8.54 -8.60 0.25
CA PHE A 141 8.87 -7.19 0.39
C PHE A 141 9.15 -6.59 -0.98
N ILE A 142 8.60 -5.43 -1.25
CA ILE A 142 8.77 -4.76 -2.53
C ILE A 142 9.36 -3.37 -2.32
N GLU A 143 10.42 -3.07 -3.06
CA GLU A 143 11.06 -1.77 -2.97
C GLU A 143 10.48 -0.86 -4.05
N THR A 144 9.78 0.17 -3.63
CA THR A 144 9.17 1.09 -4.58
C THR A 144 9.84 2.45 -4.57
N SER A 145 9.85 3.08 -5.73
CA SER A 145 10.43 4.40 -5.89
C SER A 145 9.46 5.28 -6.67
N ALA A 146 9.11 6.42 -6.10
CA ALA A 146 8.19 7.33 -6.75
C ALA A 146 8.92 8.27 -7.69
N LYS A 147 10.19 8.50 -7.43
CA LYS A 147 10.99 9.41 -8.26
C LYS A 147 11.32 8.77 -9.61
N THR A 148 11.91 7.58 -9.59
CA THR A 148 12.29 6.90 -10.82
C THR A 148 11.21 5.90 -11.27
N ARG A 149 10.14 5.81 -10.46
CA ARG A 149 9.02 4.92 -10.74
C ARG A 149 9.51 3.48 -10.89
N GLN A 150 9.92 2.89 -9.78
CA GLN A 150 10.44 1.53 -9.78
C GLN A 150 9.60 0.62 -8.90
N GLY A 151 9.17 -0.50 -9.46
CA GLY A 151 8.39 -1.49 -8.71
C GLY A 151 6.96 -1.05 -8.41
N VAL A 152 6.59 0.13 -8.87
CA VAL A 152 5.25 0.65 -8.63
C VAL A 152 4.20 -0.12 -9.44
N ASP A 153 4.51 -0.34 -10.71
CA ASP A 153 3.60 -1.04 -11.62
C ASP A 153 3.56 -2.53 -11.33
N ASP A 154 4.74 -3.13 -11.18
CA ASP A 154 4.87 -4.56 -10.92
C ASP A 154 4.19 -4.96 -9.61
N ALA A 155 4.17 -4.04 -8.65
CA ALA A 155 3.55 -4.30 -7.35
C ALA A 155 2.07 -4.65 -7.49
N PHE A 156 1.44 -4.12 -8.53
CA PHE A 156 0.02 -4.40 -8.75
C PHE A 156 -0.15 -5.75 -9.43
N TYR A 157 0.81 -6.13 -10.26
CA TYR A 157 0.77 -7.40 -10.96
C TYR A 157 0.94 -8.55 -9.99
N THR A 158 1.81 -8.36 -9.01
CA THR A 158 2.07 -9.38 -8.00
C THR A 158 0.88 -9.48 -7.03
N LEU A 159 0.34 -8.33 -6.66
CA LEU A 159 -0.79 -8.26 -5.75
C LEU A 159 -1.98 -9.05 -6.25
N VAL A 160 -2.39 -8.79 -7.50
CA VAL A 160 -3.53 -9.48 -8.09
C VAL A 160 -3.33 -10.99 -8.09
N ARG A 161 -2.14 -11.42 -8.47
CA ARG A 161 -1.83 -12.84 -8.52
C ARG A 161 -1.88 -13.47 -7.12
N GLU A 162 -1.48 -12.70 -6.12
CA GLU A 162 -1.49 -13.18 -4.73
C GLU A 162 -2.93 -13.32 -4.24
N ILE A 163 -3.76 -12.34 -4.56
CA ILE A 163 -5.16 -12.38 -4.15
C ILE A 163 -5.85 -13.60 -4.74
N ARG A 164 -5.59 -13.86 -6.01
CA ARG A 164 -6.19 -15.00 -6.70
C ARG A 164 -5.67 -16.32 -6.11
N LYS A 165 -4.39 -16.33 -5.74
CA LYS A 165 -3.78 -17.51 -5.14
C LYS A 165 -4.38 -17.75 -3.75
N HIS A 166 -4.64 -16.67 -3.04
CA HIS A 166 -5.23 -16.74 -1.71
C HIS A 166 -6.66 -17.28 -1.79
N LYS A 167 -7.39 -16.84 -2.80
CA LYS A 167 -8.77 -17.27 -2.99
C LYS A 167 -8.82 -18.73 -3.43
N GLU A 168 -8.14 -19.04 -4.52
CA GLU A 168 -8.11 -20.39 -5.05
C GLU A 168 -6.68 -20.93 -5.08
N1 W1Y B . -15.42 1.17 -1.12
C4 W1Y B . -15.46 0.74 0.94
C5 W1Y B . -13.59 0.08 -0.40
C6 W1Y B . -12.92 -0.49 0.67
C7 W1Y B . -11.68 -1.08 0.47
C8 W1Y B . -11.11 -1.09 -0.81
C10 W1Y B . -13.03 0.08 -1.67
C W1Y B . -16.08 2.71 3.14
N W1Y B . -17.32 2.95 2.39
C1 W1Y B . -17.71 1.73 1.65
C2 W1Y B . -16.59 1.38 0.66
N2 W1Y B . -14.78 0.64 -0.20
C3 W1Y B . -16.56 1.65 -0.65
C9 W1Y B . -11.78 -0.52 -1.87
H1 W1Y B . -15.20 0.32 1.85
H2 W1Y B . -13.29 -0.41 1.62
H3 W1Y B . -11.22 -1.59 1.24
H4 W1Y B . -10.15 -1.45 -0.95
H5 W1Y B . -13.49 0.58 -2.45
H6 W1Y B . -16.07 3.34 4.02
H7 W1Y B . -15.23 2.95 2.51
H8 W1Y B . -16.03 1.66 3.43
H9 W1Y B . -17.19 3.71 1.75
H11 W1Y B . -17.86 0.91 2.34
H12 W1Y B . -18.63 1.93 1.10
H13 W1Y B . -17.33 2.07 -1.19
H14 W1Y B . -11.33 -0.45 -2.80
#